data_4XAQ
#
_entry.id   4XAQ
#
_cell.length_a   81.644
_cell.length_b   159.652
_cell.length_c   93.880
_cell.angle_alpha   90.000
_cell.angle_beta   90.000
_cell.angle_gamma   90.000
#
_symmetry.space_group_name_H-M   'P 21 21 2'
#
loop_
_entity.id
_entity.type
_entity.pdbx_description
1 polymer 'Metabotropic glutamate receptor 2'
2 non-polymer '(1S,2S,5R,6S)-2-aminobicyclo[3.1.0]hexane-2,6-dicarboxylic acid'
3 non-polymer 'SULFATE ION'
4 non-polymer 'CHLORIDE ION'
5 water water
#
_entity_poly.entity_id   1
_entity_poly.type   'polypeptide(L)'
_entity_poly.pdbx_seq_one_letter_code
;MALGSLLALLALLLLWGAVAEGPAKKVLTLEGDLVLGGLFPVHQKGGPAEDCGPVNEHRGIQRLEAMLFALDRINRDPHL
LPGVRLGAHILDSCSKDTHALEQALDFVRASLSRGADGSRHICPDGSYATHGDAPTAITGVIGGSYSDVSIQVANLLRLF
QIPQISYASTSAKLSDKSRYDYFARTVPPDFFQAKAMAEILRFFNWTYVSTVASEGDYGETGIEAFELEARARNISVATS
EKVGRAMSRAAFEGVVRALLQKPSARVAVLFTRSEDARELLAASQRLNASFTWVASDGWGALEEVVAGSEGAAEGAITIE
LASYPISDFASYFQSLDPWNNSRNPWFREFWEQRFRCSFRQRDCAAHSLRAVPFEQESKIMFVVNAVYAMAHALHNMHRA
LCPNTTRLCDAMRPVNGRRLYKDFVLNVKFDAPFRPADTHNEVRFDRFGDGIGRYNIFTYLRAGSGRYRYQKVGYWAEGL
TLDTSLIPWASPSAGEGHHHHHH
;
_entity_poly.pdbx_strand_id   A,B
#
# COMPACT_ATOMS: atom_id res chain seq x y z
N ALA A 24 0.24 10.31 -20.36
CA ALA A 24 -0.61 10.61 -21.52
C ALA A 24 -2.11 10.74 -21.17
N LYS A 25 -2.95 11.26 -22.10
CA LYS A 25 -4.37 11.53 -21.78
C LYS A 25 -5.43 10.98 -22.78
N LYS A 26 -5.14 9.91 -23.55
CA LYS A 26 -6.16 9.31 -24.42
C LYS A 26 -7.02 8.35 -23.59
N VAL A 27 -8.33 8.33 -23.86
CA VAL A 27 -9.34 7.47 -23.22
C VAL A 27 -10.14 6.74 -24.32
N LEU A 28 -10.33 5.41 -24.17
CA LEU A 28 -11.12 4.65 -25.11
C LEU A 28 -12.57 4.68 -24.61
N THR A 29 -13.44 5.38 -25.34
CA THR A 29 -14.85 5.53 -25.02
C THR A 29 -15.75 4.84 -26.07
N LEU A 30 -16.78 4.12 -25.60
CA LEU A 30 -17.84 3.48 -26.37
C LEU A 30 -19.13 3.75 -25.61
N GLU A 31 -20.18 4.21 -26.32
CA GLU A 31 -21.48 4.52 -25.73
C GLU A 31 -22.26 3.25 -25.37
N GLY A 32 -23.14 3.37 -24.39
CA GLY A 32 -24.00 2.27 -23.94
C GLY A 32 -24.95 2.72 -22.86
N ASP A 33 -25.92 1.86 -22.52
CA ASP A 33 -26.91 2.14 -21.47
C ASP A 33 -26.25 2.03 -20.08
N LEU A 34 -25.28 1.12 -19.96
CA LEU A 34 -24.49 0.91 -18.75
C LEU A 34 -23.06 0.92 -19.24
N VAL A 35 -22.17 1.63 -18.52
CA VAL A 35 -20.78 1.74 -18.96
C VAL A 35 -19.87 0.96 -18.04
N LEU A 36 -19.01 0.15 -18.62
CA LEU A 36 -18.03 -0.60 -17.89
C LEU A 36 -16.67 0.06 -18.04
N GLY A 37 -16.01 0.30 -16.90
CA GLY A 37 -14.67 0.82 -16.91
C GLY A 37 -13.71 -0.29 -17.26
N GLY A 38 -12.57 0.08 -17.83
CA GLY A 38 -11.53 -0.85 -18.22
C GLY A 38 -10.16 -0.29 -17.88
N LEU A 39 -9.18 -1.18 -17.59
CA LEU A 39 -7.83 -0.74 -17.20
C LEU A 39 -6.81 -1.74 -17.65
N PHE A 40 -5.92 -1.33 -18.57
CA PHE A 40 -4.91 -2.21 -19.16
C PHE A 40 -3.55 -1.55 -19.19
N PRO A 41 -2.44 -2.32 -19.07
CA PRO A 41 -1.12 -1.68 -19.22
C PRO A 41 -0.83 -1.53 -20.73
N VAL A 42 -1.61 -0.67 -21.42
CA VAL A 42 -1.50 -0.40 -22.85
C VAL A 42 -0.07 0.09 -23.22
N HIS A 43 0.59 0.77 -22.28
CA HIS A 43 1.99 1.16 -22.43
C HIS A 43 2.78 0.59 -21.27
N GLN A 44 4.09 0.38 -21.49
CA GLN A 44 5.08 0.02 -20.49
C GLN A 44 5.31 1.27 -19.63
N LYS A 45 5.96 1.10 -18.46
CA LYS A 45 6.29 2.26 -17.64
C LYS A 45 7.41 3.06 -18.36
N GLY A 46 7.40 4.39 -18.20
CA GLY A 46 8.37 5.25 -18.84
C GLY A 46 9.64 5.34 -18.03
N GLY A 47 10.46 6.32 -18.34
CA GLY A 47 11.69 6.58 -17.60
C GLY A 47 11.42 7.46 -16.39
N PRO A 48 12.45 8.00 -15.74
CA PRO A 48 12.20 8.88 -14.58
C PRO A 48 11.53 10.22 -14.91
N ALA A 49 11.46 10.61 -16.21
CA ALA A 49 10.85 11.88 -16.64
C ALA A 49 9.46 11.73 -17.33
N GLU A 50 9.06 10.50 -17.70
CA GLU A 50 7.76 10.26 -18.35
C GLU A 50 7.02 9.10 -17.70
N ASP A 51 5.68 9.25 -17.51
CA ASP A 51 4.84 8.20 -16.91
C ASP A 51 4.69 6.99 -17.79
N CYS A 52 4.63 7.23 -19.12
CA CYS A 52 4.38 6.21 -20.12
C CYS A 52 5.52 6.00 -21.07
N GLY A 53 5.84 4.73 -21.25
CA GLY A 53 6.88 4.27 -22.14
C GLY A 53 6.30 3.68 -23.41
N PRO A 54 7.06 2.75 -24.03
CA PRO A 54 6.58 2.12 -25.28
C PRO A 54 5.28 1.34 -25.14
N VAL A 55 4.49 1.31 -26.23
CA VAL A 55 3.24 0.54 -26.35
C VAL A 55 3.52 -0.97 -26.02
N ASN A 56 2.62 -1.59 -25.26
CA ASN A 56 2.72 -2.98 -24.75
C ASN A 56 1.77 -3.89 -25.53
N GLU A 57 2.31 -4.61 -26.54
CA GLU A 57 1.56 -5.48 -27.46
C GLU A 57 0.73 -6.61 -26.81
N HIS A 58 1.38 -7.49 -26.05
CA HIS A 58 0.76 -8.72 -25.55
C HIS A 58 -0.12 -8.52 -24.31
N ARG A 59 0.42 -8.07 -23.18
CA ARG A 59 -0.43 -7.86 -22.00
C ARG A 59 -1.13 -6.49 -22.03
N GLY A 60 -0.83 -5.68 -23.06
CA GLY A 60 -1.47 -4.38 -23.24
C GLY A 60 -2.55 -4.37 -24.29
N ILE A 61 -2.16 -4.19 -25.57
CA ILE A 61 -3.04 -4.15 -26.76
C ILE A 61 -4.00 -5.36 -26.89
N GLN A 62 -3.48 -6.56 -26.81
CA GLN A 62 -4.27 -7.77 -26.97
C GLN A 62 -5.38 -7.91 -25.92
N ARG A 63 -5.07 -7.61 -24.63
CA ARG A 63 -6.07 -7.70 -23.53
C ARG A 63 -7.15 -6.65 -23.67
N LEU A 64 -6.74 -5.42 -24.06
CA LEU A 64 -7.64 -4.31 -24.32
C LEU A 64 -8.60 -4.73 -25.44
N GLU A 65 -8.04 -5.26 -26.56
CA GLU A 65 -8.81 -5.73 -27.71
C GLU A 65 -9.71 -6.88 -27.33
N ALA A 66 -9.24 -7.78 -26.42
CA ALA A 66 -10.05 -8.89 -25.92
C ALA A 66 -11.29 -8.40 -25.18
N MET A 67 -11.17 -7.28 -24.41
CA MET A 67 -12.34 -6.67 -23.73
C MET A 67 -13.32 -6.11 -24.79
N LEU A 68 -12.81 -5.38 -25.79
CA LEU A 68 -13.60 -4.82 -26.89
C LEU A 68 -14.33 -5.98 -27.66
N PHE A 69 -13.61 -7.09 -27.93
CA PHE A 69 -14.13 -8.31 -28.55
C PHE A 69 -15.26 -8.87 -27.70
N ALA A 70 -15.07 -9.00 -26.35
CA ALA A 70 -16.12 -9.50 -25.45
C ALA A 70 -17.35 -8.59 -25.49
N LEU A 71 -17.17 -7.25 -25.40
CA LEU A 71 -18.27 -6.28 -25.43
C LEU A 71 -19.12 -6.37 -26.70
N ASP A 72 -18.47 -6.51 -27.88
CA ASP A 72 -19.19 -6.66 -29.16
C ASP A 72 -20.06 -7.90 -29.14
N ARG A 73 -19.48 -9.04 -28.69
CA ARG A 73 -20.18 -10.31 -28.61
C ARG A 73 -21.27 -10.33 -27.56
N ILE A 74 -21.10 -9.60 -26.43
CA ILE A 74 -22.17 -9.51 -25.44
C ILE A 74 -23.28 -8.66 -26.04
N ASN A 75 -22.91 -7.56 -26.74
CA ASN A 75 -23.89 -6.62 -27.31
C ASN A 75 -24.71 -7.20 -28.48
N ARG A 76 -24.30 -8.36 -29.04
CA ARG A 76 -25.02 -9.10 -30.09
C ARG A 76 -25.84 -10.26 -29.48
N ASP A 77 -25.44 -10.77 -28.30
CA ASP A 77 -26.08 -11.87 -27.57
C ASP A 77 -27.55 -11.60 -27.16
N PRO A 78 -28.53 -12.41 -27.65
CA PRO A 78 -29.94 -12.18 -27.26
C PRO A 78 -30.34 -12.75 -25.90
N HIS A 79 -29.46 -13.56 -25.27
CA HIS A 79 -29.73 -14.18 -23.97
C HIS A 79 -28.95 -13.51 -22.80
N LEU A 80 -28.21 -12.45 -23.10
CA LEU A 80 -27.43 -11.70 -22.14
C LEU A 80 -27.66 -10.22 -22.38
N LEU A 81 -28.43 -9.57 -21.50
CA LEU A 81 -28.81 -8.14 -21.60
C LEU A 81 -29.30 -7.75 -23.01
N PRO A 82 -30.43 -8.38 -23.51
CA PRO A 82 -30.88 -8.08 -24.89
C PRO A 82 -31.29 -6.62 -25.14
N GLY A 83 -31.91 -5.98 -24.15
CA GLY A 83 -32.33 -4.57 -24.24
C GLY A 83 -31.44 -3.60 -23.48
N VAL A 84 -30.19 -4.01 -23.11
CA VAL A 84 -29.23 -3.17 -22.37
C VAL A 84 -27.84 -3.20 -23.04
N ARG A 85 -27.47 -2.13 -23.77
CA ARG A 85 -26.16 -2.01 -24.41
C ARG A 85 -25.08 -1.69 -23.34
N LEU A 86 -23.93 -2.35 -23.43
CA LEU A 86 -22.84 -2.10 -22.50
C LEU A 86 -21.77 -1.27 -23.18
N GLY A 87 -21.53 -0.09 -22.63
CA GLY A 87 -20.48 0.81 -23.08
C GLY A 87 -19.17 0.57 -22.35
N ALA A 88 -18.12 1.31 -22.75
CA ALA A 88 -16.78 1.23 -22.18
C ALA A 88 -16.14 2.57 -21.97
N HIS A 89 -15.29 2.65 -20.93
CA HIS A 89 -14.46 3.79 -20.56
C HIS A 89 -13.16 3.14 -20.14
N ILE A 90 -12.32 2.85 -21.13
CA ILE A 90 -11.10 2.11 -20.92
C ILE A 90 -9.90 3.02 -20.82
N LEU A 91 -9.15 2.84 -19.73
CA LEU A 91 -7.97 3.65 -19.43
C LEU A 91 -6.69 2.85 -19.52
N ASP A 92 -5.58 3.58 -19.64
CA ASP A 92 -4.25 2.99 -19.73
C ASP A 92 -3.53 3.23 -18.41
N SER A 93 -3.09 2.15 -17.75
CA SER A 93 -2.36 2.25 -16.49
C SER A 93 -0.91 2.69 -16.68
N CYS A 94 -0.36 2.53 -17.92
CA CYS A 94 1.05 2.76 -18.22
C CYS A 94 1.97 1.93 -17.28
N SER A 95 1.44 0.75 -16.79
CA SER A 95 2.16 -0.19 -15.90
C SER A 95 2.67 0.47 -14.61
N LYS A 96 1.95 1.50 -14.12
CA LYS A 96 2.34 2.31 -12.99
C LYS A 96 1.14 2.58 -12.13
N ASP A 97 1.24 2.22 -10.83
CA ASP A 97 0.10 2.36 -9.93
C ASP A 97 -0.32 3.84 -9.73
N THR A 98 0.62 4.78 -9.66
CA THR A 98 0.30 6.22 -9.52
C THR A 98 -0.42 6.73 -10.76
N HIS A 99 0.04 6.34 -11.97
CA HIS A 99 -0.59 6.76 -13.23
C HIS A 99 -2.00 6.19 -13.34
N ALA A 100 -2.16 4.87 -13.10
CA ALA A 100 -3.45 4.18 -13.10
C ALA A 100 -4.48 4.91 -12.22
N LEU A 101 -4.09 5.30 -10.99
CA LEU A 101 -4.98 5.97 -10.05
C LEU A 101 -5.40 7.38 -10.52
N GLU A 102 -4.47 8.14 -11.18
CA GLU A 102 -4.80 9.46 -11.73
C GLU A 102 -5.89 9.27 -12.77
N GLN A 103 -5.71 8.24 -13.64
CA GLN A 103 -6.66 7.87 -14.68
C GLN A 103 -7.98 7.41 -14.11
N ALA A 104 -7.95 6.59 -13.04
CA ALA A 104 -9.14 6.02 -12.40
C ALA A 104 -10.09 7.04 -11.80
N LEU A 105 -9.65 8.29 -11.58
CA LEU A 105 -10.53 9.37 -11.08
C LEU A 105 -11.71 9.53 -12.03
N ASP A 106 -11.51 9.24 -13.34
CA ASP A 106 -12.57 9.26 -14.34
C ASP A 106 -13.70 8.36 -13.93
N PHE A 107 -13.39 7.19 -13.30
CA PHE A 107 -14.42 6.25 -12.89
C PHE A 107 -15.28 6.76 -11.76
N VAL A 108 -14.78 7.70 -10.96
CA VAL A 108 -15.52 8.18 -9.79
C VAL A 108 -15.95 9.65 -9.87
N ARG A 109 -15.50 10.41 -10.89
CA ARG A 109 -15.81 11.85 -11.02
C ARG A 109 -17.31 12.14 -11.13
N ALA A 110 -18.10 11.22 -11.69
CA ALA A 110 -19.55 11.43 -11.72
C ALA A 110 -20.09 11.27 -10.28
N SER A 111 -19.89 10.06 -9.68
CA SER A 111 -20.32 9.65 -8.33
C SER A 111 -19.85 10.56 -7.17
N LEU A 112 -18.90 11.50 -7.44
CA LEU A 112 -18.27 12.46 -6.50
C LEU A 112 -19.24 13.13 -5.53
N THR A 136 -19.55 10.67 -17.04
CA THR A 136 -20.64 9.69 -17.04
C THR A 136 -20.41 8.59 -15.97
N ALA A 137 -21.52 7.98 -15.50
CA ALA A 137 -21.58 6.92 -14.49
C ALA A 137 -20.96 5.60 -14.94
N ILE A 138 -20.08 5.02 -14.09
CA ILE A 138 -19.42 3.73 -14.30
C ILE A 138 -20.13 2.73 -13.39
N THR A 139 -20.60 1.60 -13.98
CA THR A 139 -21.35 0.59 -13.23
C THR A 139 -20.40 -0.40 -12.54
N GLY A 140 -19.33 -0.76 -13.23
CA GLY A 140 -18.32 -1.68 -12.75
C GLY A 140 -17.07 -1.48 -13.55
N VAL A 141 -15.96 -2.08 -13.09
CA VAL A 141 -14.65 -1.92 -13.68
C VAL A 141 -13.99 -3.27 -13.91
N ILE A 142 -13.34 -3.43 -15.07
CA ILE A 142 -12.59 -4.62 -15.46
C ILE A 142 -11.11 -4.27 -15.41
N GLY A 143 -10.36 -4.94 -14.55
CA GLY A 143 -8.93 -4.72 -14.43
C GLY A 143 -8.47 -4.42 -13.00
N GLY A 144 -7.22 -3.99 -12.84
CA GLY A 144 -6.21 -3.89 -13.89
C GLY A 144 -5.46 -5.20 -14.00
N SER A 145 -4.19 -5.12 -14.43
CA SER A 145 -3.31 -6.28 -14.63
C SER A 145 -2.41 -6.48 -13.41
N TYR A 146 -1.54 -5.51 -13.15
CA TYR A 146 -0.64 -5.51 -12.00
C TYR A 146 -1.40 -5.39 -10.70
N SER A 147 -0.97 -6.15 -9.69
CA SER A 147 -1.60 -6.15 -8.38
C SER A 147 -1.63 -4.79 -7.71
N ASP A 148 -0.49 -4.05 -7.80
CA ASP A 148 -0.32 -2.72 -7.21
C ASP A 148 -1.30 -1.73 -7.82
N VAL A 149 -1.52 -1.81 -9.14
CA VAL A 149 -2.51 -1.01 -9.88
C VAL A 149 -3.89 -1.35 -9.33
N SER A 150 -4.23 -2.66 -9.28
CA SER A 150 -5.55 -3.15 -8.83
C SER A 150 -5.88 -2.75 -7.41
N ILE A 151 -4.91 -2.88 -6.49
CA ILE A 151 -5.07 -2.47 -5.10
C ILE A 151 -5.33 -0.95 -5.00
N GLN A 152 -4.52 -0.13 -5.69
CA GLN A 152 -4.63 1.33 -5.64
C GLN A 152 -6.00 1.80 -6.12
N VAL A 153 -6.49 1.18 -7.19
CA VAL A 153 -7.80 1.47 -7.77
C VAL A 153 -8.91 0.94 -6.88
N ALA A 154 -8.76 -0.30 -6.34
CA ALA A 154 -9.78 -0.84 -5.42
C ALA A 154 -9.97 0.07 -4.20
N ASN A 155 -8.89 0.65 -3.65
CA ASN A 155 -8.96 1.57 -2.50
C ASN A 155 -9.88 2.75 -2.80
N LEU A 156 -9.78 3.28 -4.04
CA LEU A 156 -10.61 4.38 -4.54
C LEU A 156 -12.05 3.94 -4.85
N LEU A 157 -12.23 2.87 -5.65
CA LEU A 157 -13.55 2.37 -6.07
C LEU A 157 -14.47 1.97 -4.94
N ARG A 158 -13.91 1.39 -3.85
CA ARG A 158 -14.77 0.98 -2.75
C ARG A 158 -15.44 2.18 -2.07
N LEU A 159 -14.82 3.38 -2.12
CA LEU A 159 -15.35 4.63 -1.54
C LEU A 159 -16.66 5.06 -2.23
N PHE A 160 -16.90 4.55 -3.44
CA PHE A 160 -18.03 4.86 -4.30
C PHE A 160 -18.82 3.60 -4.62
N GLN A 161 -18.53 2.50 -3.89
CA GLN A 161 -19.23 1.21 -4.04
C GLN A 161 -19.23 0.73 -5.52
N ILE A 162 -18.07 0.84 -6.17
CA ILE A 162 -17.91 0.44 -7.56
C ILE A 162 -17.28 -0.97 -7.65
N PRO A 163 -18.06 -1.99 -8.09
CA PRO A 163 -17.48 -3.34 -8.28
C PRO A 163 -16.35 -3.38 -9.31
N GLN A 164 -15.34 -4.17 -9.02
CA GLN A 164 -14.16 -4.30 -9.83
C GLN A 164 -13.85 -5.77 -9.96
N ILE A 165 -13.45 -6.19 -11.15
CA ILE A 165 -13.05 -7.55 -11.41
C ILE A 165 -11.76 -7.55 -12.18
N SER A 166 -10.71 -8.09 -11.59
CA SER A 166 -9.41 -8.20 -12.26
C SER A 166 -9.30 -9.51 -13.03
N TYR A 167 -8.51 -9.49 -14.12
CA TYR A 167 -8.30 -10.64 -14.99
C TYR A 167 -6.85 -11.10 -14.88
N ALA A 168 -6.03 -10.47 -14.02
CA ALA A 168 -4.61 -10.84 -13.90
C ALA A 168 -3.98 -10.60 -12.53
N SER A 169 -4.56 -9.78 -11.64
CA SER A 169 -3.96 -9.47 -10.32
C SER A 169 -4.17 -10.63 -9.39
N THR A 170 -3.07 -11.27 -9.00
CA THR A 170 -3.06 -12.51 -8.24
C THR A 170 -2.62 -12.36 -6.79
N SER A 171 -2.23 -11.16 -6.34
CA SER A 171 -1.79 -10.93 -4.96
C SER A 171 -2.78 -11.42 -3.93
N ALA A 172 -2.30 -12.14 -2.91
CA ALA A 172 -3.15 -12.62 -1.81
C ALA A 172 -3.83 -11.46 -1.06
N LYS A 173 -3.21 -10.26 -0.98
CA LYS A 173 -3.78 -9.08 -0.26
C LYS A 173 -5.21 -8.77 -0.73
N LEU A 174 -5.47 -8.92 -2.03
CA LEU A 174 -6.76 -8.62 -2.65
C LEU A 174 -7.89 -9.51 -2.15
N SER A 175 -7.59 -10.65 -1.54
CA SER A 175 -8.58 -11.54 -0.91
C SER A 175 -9.18 -10.95 0.38
N ASP A 176 -8.53 -9.95 0.97
CA ASP A 176 -9.00 -9.36 2.22
C ASP A 176 -10.22 -8.45 1.96
N LYS A 177 -11.41 -8.98 2.25
CA LYS A 177 -12.67 -8.23 2.02
C LYS A 177 -12.94 -7.14 3.05
N SER A 178 -12.09 -6.98 4.09
CA SER A 178 -12.26 -5.87 5.03
C SER A 178 -11.68 -4.63 4.37
N ARG A 179 -10.77 -4.84 3.41
CA ARG A 179 -10.11 -3.77 2.67
C ARG A 179 -10.56 -3.66 1.21
N TYR A 180 -10.88 -4.80 0.55
CA TYR A 180 -11.26 -4.83 -0.89
C TYR A 180 -12.61 -5.49 -1.09
N ASP A 181 -13.59 -4.92 -0.42
CA ASP A 181 -14.95 -5.43 -0.39
C ASP A 181 -15.70 -5.27 -1.71
N TYR A 182 -15.19 -4.54 -2.69
CA TYR A 182 -15.86 -4.39 -4.01
C TYR A 182 -15.08 -5.08 -5.13
N PHE A 183 -14.00 -5.79 -4.75
CA PHE A 183 -13.13 -6.47 -5.68
C PHE A 183 -13.42 -7.97 -5.77
N ALA A 184 -13.35 -8.49 -7.00
CA ALA A 184 -13.40 -9.91 -7.34
C ALA A 184 -12.41 -10.08 -8.48
N ARG A 185 -12.11 -11.33 -8.84
CA ARG A 185 -11.16 -11.66 -9.89
C ARG A 185 -11.45 -13.04 -10.49
N THR A 186 -11.08 -13.22 -11.79
CA THR A 186 -11.26 -14.48 -12.54
C THR A 186 -10.03 -15.37 -12.38
N VAL A 187 -9.07 -14.90 -11.58
CA VAL A 187 -7.80 -15.56 -11.34
C VAL A 187 -7.64 -15.95 -9.84
N PRO A 188 -6.86 -17.01 -9.52
CA PRO A 188 -6.69 -17.38 -8.10
C PRO A 188 -5.71 -16.51 -7.35
N PRO A 189 -5.74 -16.51 -5.99
CA PRO A 189 -4.71 -15.78 -5.24
C PRO A 189 -3.39 -16.57 -5.22
N ASP A 190 -2.26 -15.87 -4.99
CA ASP A 190 -0.92 -16.45 -5.12
C ASP A 190 -0.50 -17.42 -4.03
N PHE A 191 -1.34 -17.75 -3.04
CA PHE A 191 -0.95 -18.82 -2.10
C PHE A 191 -0.72 -20.10 -2.90
N PHE A 192 -1.62 -20.40 -3.86
CA PHE A 192 -1.58 -21.60 -4.66
C PHE A 192 -0.37 -21.64 -5.59
N GLN A 193 -0.06 -20.50 -6.23
CA GLN A 193 1.12 -20.39 -7.11
C GLN A 193 2.39 -20.62 -6.29
N ALA A 194 2.48 -20.01 -5.11
CA ALA A 194 3.64 -20.11 -4.24
C ALA A 194 3.83 -21.55 -3.70
N LYS A 195 2.70 -22.27 -3.40
CA LYS A 195 2.71 -23.66 -2.93
C LYS A 195 3.16 -24.56 -4.07
N ALA A 196 2.63 -24.33 -5.28
CA ALA A 196 3.02 -25.06 -6.48
C ALA A 196 4.55 -24.95 -6.74
N MET A 197 5.11 -23.75 -6.54
CA MET A 197 6.54 -23.49 -6.75
C MET A 197 7.44 -24.23 -5.74
N ALA A 198 7.05 -24.24 -4.44
CA ALA A 198 7.76 -24.93 -3.37
C ALA A 198 7.69 -26.45 -3.55
N GLU A 199 6.62 -26.94 -4.21
CA GLU A 199 6.41 -28.35 -4.50
C GLU A 199 7.26 -28.78 -5.65
N ILE A 200 7.47 -27.88 -6.66
CA ILE A 200 8.32 -28.17 -7.82
C ILE A 200 9.74 -28.40 -7.34
N LEU A 201 10.24 -27.53 -6.43
CA LEU A 201 11.58 -27.62 -5.85
C LEU A 201 11.75 -28.92 -5.09
N ARG A 202 10.80 -29.23 -4.16
CA ARG A 202 10.78 -30.42 -3.32
C ARG A 202 10.78 -31.71 -4.14
N PHE A 203 10.14 -31.69 -5.31
CA PHE A 203 10.08 -32.80 -6.26
C PHE A 203 11.50 -33.13 -6.78
N PHE A 204 12.30 -32.10 -7.16
CA PHE A 204 13.67 -32.25 -7.68
C PHE A 204 14.74 -32.19 -6.59
N ASN A 205 14.30 -32.07 -5.31
CA ASN A 205 15.15 -32.01 -4.11
C ASN A 205 16.07 -30.78 -4.09
N TRP A 206 15.60 -29.68 -4.74
CA TRP A 206 16.24 -28.36 -4.77
C TRP A 206 15.99 -27.73 -3.40
N THR A 207 16.91 -27.98 -2.44
CA THR A 207 16.81 -27.66 -1.02
C THR A 207 17.58 -26.40 -0.54
N TYR A 208 18.50 -25.84 -1.34
CA TYR A 208 19.25 -24.62 -0.99
C TYR A 208 19.07 -23.71 -2.20
N VAL A 209 18.14 -22.74 -2.08
CA VAL A 209 17.75 -21.89 -3.21
C VAL A 209 17.82 -20.40 -2.92
N SER A 210 17.68 -19.60 -3.98
CA SER A 210 17.70 -18.16 -3.87
C SER A 210 16.37 -17.62 -4.32
N THR A 211 15.97 -16.45 -3.82
CA THR A 211 14.71 -15.84 -4.24
C THR A 211 14.95 -14.42 -4.76
N VAL A 212 14.16 -14.05 -5.78
CA VAL A 212 14.19 -12.70 -6.34
C VAL A 212 12.73 -12.25 -6.44
N ALA A 213 12.42 -11.11 -5.80
CA ALA A 213 11.06 -10.58 -5.83
C ALA A 213 11.02 -9.17 -6.39
N SER A 214 10.00 -8.88 -7.23
CA SER A 214 9.76 -7.49 -7.64
C SER A 214 9.18 -6.83 -6.37
N GLU A 215 9.66 -5.66 -6.00
CA GLU A 215 9.16 -4.89 -4.84
C GLU A 215 7.62 -4.71 -4.95
N GLY A 216 6.92 -4.71 -3.83
CA GLY A 216 5.47 -4.52 -3.81
C GLY A 216 4.64 -5.73 -3.44
N ASP A 217 3.30 -5.60 -3.51
CA ASP A 217 2.34 -6.62 -3.07
C ASP A 217 2.23 -7.88 -3.91
N TYR A 218 2.89 -7.95 -5.05
CA TYR A 218 2.85 -9.17 -5.85
C TYR A 218 4.10 -10.00 -5.56
N GLY A 219 5.27 -9.37 -5.69
CA GLY A 219 6.54 -10.04 -5.53
C GLY A 219 6.91 -10.46 -4.14
N GLU A 220 6.91 -9.49 -3.23
CA GLU A 220 7.33 -9.70 -1.85
C GLU A 220 6.43 -10.66 -1.08
N THR A 221 5.10 -10.51 -1.23
CA THR A 221 4.13 -11.40 -0.57
C THR A 221 4.10 -12.78 -1.23
N GLY A 222 4.38 -12.85 -2.54
CA GLY A 222 4.46 -14.11 -3.26
C GLY A 222 5.63 -14.96 -2.77
N ILE A 223 6.81 -14.35 -2.67
CA ILE A 223 8.04 -14.97 -2.15
C ILE A 223 7.89 -15.32 -0.67
N GLU A 224 7.31 -14.42 0.13
CA GLU A 224 7.05 -14.67 1.56
C GLU A 224 6.15 -15.92 1.75
N ALA A 225 5.14 -16.11 0.87
CA ALA A 225 4.26 -17.28 0.97
C ALA A 225 5.03 -18.52 0.53
N PHE A 226 5.82 -18.39 -0.57
CA PHE A 226 6.63 -19.48 -1.14
C PHE A 226 7.61 -20.07 -0.13
N GLU A 227 8.24 -19.19 0.63
CA GLU A 227 9.26 -19.43 1.65
C GLU A 227 8.72 -20.24 2.82
N LEU A 228 7.49 -19.94 3.27
CA LEU A 228 6.83 -20.67 4.36
C LEU A 228 6.49 -22.09 3.93
N GLU A 229 6.13 -22.27 2.65
CA GLU A 229 5.81 -23.56 2.07
C GLU A 229 7.05 -24.39 1.83
N ALA A 230 8.15 -23.71 1.42
CA ALA A 230 9.46 -24.30 1.17
C ALA A 230 10.08 -24.75 2.50
N ARG A 231 9.97 -23.92 3.56
CA ARG A 231 10.50 -24.23 4.90
C ARG A 231 9.95 -25.55 5.42
N ALA A 232 8.61 -25.71 5.42
CA ALA A 232 7.91 -26.93 5.83
C ALA A 232 8.34 -28.15 5.02
N ARG A 233 8.81 -27.92 3.78
CA ARG A 233 9.30 -28.99 2.92
C ARG A 233 10.85 -29.11 2.98
N ASN A 234 11.43 -28.61 4.08
CA ASN A 234 12.87 -28.61 4.38
C ASN A 234 13.74 -27.93 3.28
N ILE A 235 13.24 -26.82 2.70
CA ILE A 235 13.94 -26.01 1.69
C ILE A 235 14.46 -24.72 2.34
N SER A 236 15.78 -24.51 2.25
CA SER A 236 16.45 -23.35 2.80
C SER A 236 16.65 -22.27 1.74
N VAL A 237 16.77 -21.02 2.21
CA VAL A 237 16.99 -19.85 1.36
C VAL A 237 18.39 -19.32 1.61
N ALA A 238 19.23 -19.34 0.55
CA ALA A 238 20.60 -18.84 0.54
C ALA A 238 20.59 -17.33 0.63
N THR A 239 19.93 -16.67 -0.35
CA THR A 239 19.82 -15.21 -0.38
C THR A 239 18.46 -14.77 -0.95
N SER A 240 17.98 -13.61 -0.47
CA SER A 240 16.73 -13.00 -0.92
C SER A 240 16.98 -11.60 -1.43
N GLU A 241 16.79 -11.42 -2.73
CA GLU A 241 17.02 -10.14 -3.40
C GLU A 241 15.71 -9.49 -3.81
N LYS A 242 15.68 -8.14 -3.76
CA LYS A 242 14.53 -7.35 -4.16
C LYS A 242 14.87 -6.55 -5.42
N VAL A 243 13.93 -6.47 -6.37
CA VAL A 243 14.04 -5.64 -7.57
C VAL A 243 13.19 -4.40 -7.29
N GLY A 244 13.85 -3.25 -7.17
CA GLY A 244 13.18 -1.97 -6.95
C GLY A 244 12.42 -1.51 -8.17
N ARG A 245 11.51 -0.53 -8.01
CA ARG A 245 10.69 -0.03 -9.14
C ARG A 245 11.49 0.74 -10.19
N ALA A 246 12.66 1.32 -9.84
CA ALA A 246 13.44 2.14 -10.77
C ALA A 246 14.88 1.65 -10.90
N MET A 247 15.02 0.34 -11.12
CA MET A 247 16.30 -0.36 -11.25
C MET A 247 17.00 -0.03 -12.56
N SER A 248 18.34 0.13 -12.52
CA SER A 248 19.16 0.35 -13.73
C SER A 248 19.79 -0.99 -14.18
N ARG A 249 20.40 -1.04 -15.39
CA ARG A 249 21.10 -2.21 -15.97
C ARG A 249 22.21 -2.70 -15.01
N ALA A 250 22.92 -1.73 -14.39
CA ALA A 250 23.99 -1.97 -13.42
C ALA A 250 23.43 -2.59 -12.15
N ALA A 251 22.26 -2.08 -11.67
CA ALA A 251 21.58 -2.59 -10.48
C ALA A 251 21.10 -4.05 -10.69
N PHE A 252 20.66 -4.42 -11.93
CA PHE A 252 20.27 -5.80 -12.22
C PHE A 252 21.47 -6.72 -12.15
N GLU A 253 22.64 -6.25 -12.68
CA GLU A 253 23.94 -6.94 -12.64
C GLU A 253 24.37 -7.18 -11.17
N GLY A 254 24.10 -6.20 -10.31
CA GLY A 254 24.35 -6.28 -8.87
C GLY A 254 23.55 -7.39 -8.22
N VAL A 255 22.29 -7.60 -8.68
CA VAL A 255 21.41 -8.68 -8.20
C VAL A 255 21.98 -10.03 -8.61
N VAL A 256 22.40 -10.14 -9.89
CA VAL A 256 23.04 -11.35 -10.41
C VAL A 256 24.30 -11.70 -9.58
N ARG A 257 25.15 -10.69 -9.27
CA ARG A 257 26.35 -10.92 -8.46
C ARG A 257 26.00 -11.29 -7.02
N ALA A 258 24.88 -10.77 -6.48
CA ALA A 258 24.44 -11.10 -5.13
C ALA A 258 24.07 -12.59 -5.09
N LEU A 259 23.42 -13.09 -6.16
CA LEU A 259 23.05 -14.50 -6.33
C LEU A 259 24.29 -15.37 -6.52
N LEU A 260 25.34 -14.82 -7.18
CA LEU A 260 26.58 -15.57 -7.41
C LEU A 260 27.40 -15.73 -6.15
N GLN A 261 27.24 -14.80 -5.16
CA GLN A 261 27.92 -14.87 -3.86
C GLN A 261 27.57 -16.17 -3.05
N LYS A 262 26.60 -16.95 -3.56
CA LYS A 262 26.16 -18.24 -3.02
C LYS A 262 26.21 -19.26 -4.17
N PRO A 263 27.43 -19.80 -4.48
CA PRO A 263 27.53 -20.75 -5.62
C PRO A 263 26.82 -22.09 -5.43
N SER A 264 26.55 -22.46 -4.16
CA SER A 264 25.86 -23.70 -3.77
C SER A 264 24.39 -23.66 -4.22
N ALA A 265 23.77 -22.44 -4.23
CA ALA A 265 22.38 -22.23 -4.66
C ALA A 265 22.29 -21.82 -6.14
N ARG A 266 22.09 -22.81 -7.02
CA ARG A 266 21.96 -22.63 -8.46
C ARG A 266 20.52 -22.39 -8.86
N VAL A 267 19.55 -22.73 -7.98
CA VAL A 267 18.13 -22.52 -8.24
C VAL A 267 17.72 -21.16 -7.65
N ALA A 268 17.14 -20.30 -8.51
CA ALA A 268 16.65 -18.96 -8.18
C ALA A 268 15.15 -18.93 -8.44
N VAL A 269 14.40 -18.67 -7.36
CA VAL A 269 12.93 -18.61 -7.39
C VAL A 269 12.50 -17.17 -7.61
N LEU A 270 11.80 -16.91 -8.75
CA LEU A 270 11.34 -15.56 -9.08
C LEU A 270 9.85 -15.36 -8.94
N PHE A 271 9.48 -14.31 -8.18
CA PHE A 271 8.11 -13.79 -8.12
C PHE A 271 8.29 -12.37 -8.65
N THR A 272 8.42 -12.25 -9.97
CA THR A 272 8.75 -10.96 -10.59
C THR A 272 7.81 -10.55 -11.68
N ARG A 273 7.64 -9.23 -11.87
CA ARG A 273 6.91 -8.59 -12.98
C ARG A 273 7.72 -8.98 -14.26
N SER A 274 7.04 -9.06 -15.42
CA SER A 274 7.72 -9.47 -16.66
C SER A 274 8.99 -8.67 -17.02
N GLU A 275 8.99 -7.34 -16.77
CA GLU A 275 10.16 -6.54 -17.13
C GLU A 275 11.31 -6.80 -16.22
N ASP A 276 11.04 -7.11 -14.94
CA ASP A 276 12.11 -7.41 -13.98
C ASP A 276 12.79 -8.72 -14.34
N ALA A 277 12.00 -9.74 -14.70
CA ALA A 277 12.51 -11.03 -15.16
C ALA A 277 13.29 -10.84 -16.47
N ARG A 278 12.77 -10.00 -17.40
CA ARG A 278 13.42 -9.73 -18.69
C ARG A 278 14.81 -9.12 -18.47
N GLU A 279 14.88 -8.15 -17.56
CA GLU A 279 16.12 -7.45 -17.24
C GLU A 279 17.08 -8.29 -16.43
N LEU A 280 16.55 -9.19 -15.56
CA LEU A 280 17.41 -10.05 -14.77
C LEU A 280 18.09 -11.10 -15.68
N LEU A 281 17.35 -11.62 -16.68
CA LEU A 281 17.86 -12.59 -17.66
C LEU A 281 18.92 -11.92 -18.54
N ALA A 282 18.69 -10.66 -18.93
CA ALA A 282 19.57 -9.85 -19.77
C ALA A 282 20.89 -9.62 -19.08
N ALA A 283 20.86 -9.33 -17.77
CA ALA A 283 22.03 -9.12 -16.90
C ALA A 283 22.80 -10.44 -16.70
N SER A 284 22.07 -11.58 -16.62
CA SER A 284 22.63 -12.89 -16.43
C SER A 284 23.34 -13.27 -17.71
N GLN A 285 22.74 -12.94 -18.87
CA GLN A 285 23.35 -13.21 -20.16
C GLN A 285 24.66 -12.43 -20.30
N ARG A 286 24.66 -11.14 -19.89
CA ARG A 286 25.82 -10.27 -19.92
C ARG A 286 26.96 -10.77 -19.02
N LEU A 287 26.61 -11.36 -17.85
CA LEU A 287 27.61 -11.81 -16.89
C LEU A 287 27.95 -13.28 -17.05
N ASN A 288 27.42 -13.93 -18.12
CA ASN A 288 27.62 -15.36 -18.38
C ASN A 288 27.23 -16.18 -17.10
N ALA A 289 26.15 -15.74 -16.42
CA ALA A 289 25.67 -16.38 -15.20
C ALA A 289 24.69 -17.50 -15.54
N SER A 290 24.88 -18.68 -14.92
CA SER A 290 24.01 -19.85 -15.12
C SER A 290 23.16 -20.14 -13.90
N PHE A 291 21.82 -20.10 -14.09
CA PHE A 291 20.86 -20.37 -13.04
C PHE A 291 19.74 -21.24 -13.50
N THR A 292 19.19 -22.04 -12.56
CA THR A 292 17.98 -22.84 -12.80
C THR A 292 16.81 -21.95 -12.33
N TRP A 293 16.10 -21.32 -13.28
CA TRP A 293 15.02 -20.37 -12.97
C TRP A 293 13.72 -21.06 -12.68
N VAL A 294 13.08 -20.70 -11.57
CA VAL A 294 11.73 -21.18 -11.22
C VAL A 294 10.90 -19.89 -11.08
N ALA A 295 10.11 -19.56 -12.10
CA ALA A 295 9.41 -18.28 -12.16
C ALA A 295 7.89 -18.33 -12.17
N SER A 296 7.29 -17.36 -11.45
CA SER A 296 5.85 -17.15 -11.36
C SER A 296 5.26 -16.62 -12.67
N ASP A 297 3.94 -16.43 -12.71
CA ASP A 297 3.16 -16.02 -13.88
C ASP A 297 3.60 -14.68 -14.53
N GLY A 298 4.31 -13.85 -13.76
CA GLY A 298 4.86 -12.55 -14.18
C GLY A 298 5.74 -12.74 -15.40
N TRP A 299 6.59 -13.77 -15.34
CA TRP A 299 7.42 -14.20 -16.48
C TRP A 299 6.51 -15.10 -17.34
N GLY A 300 5.91 -16.14 -16.75
CA GLY A 300 5.01 -17.07 -17.44
C GLY A 300 5.61 -17.67 -18.70
N ALA A 301 4.88 -17.63 -19.81
CA ALA A 301 5.37 -18.14 -21.08
C ALA A 301 5.48 -16.96 -22.06
N LEU A 302 5.91 -15.80 -21.58
CA LEU A 302 6.08 -14.62 -22.44
C LEU A 302 7.34 -14.75 -23.30
N GLU A 303 7.24 -14.46 -24.63
CA GLU A 303 8.42 -14.44 -25.52
C GLU A 303 9.34 -13.26 -25.18
N GLU A 304 8.77 -12.06 -24.93
CA GLU A 304 9.50 -10.81 -24.66
C GLU A 304 10.50 -10.90 -23.52
N VAL A 305 10.22 -11.79 -22.55
CA VAL A 305 11.07 -11.97 -21.35
C VAL A 305 12.35 -12.72 -21.74
N VAL A 306 12.22 -13.65 -22.70
CA VAL A 306 13.34 -14.50 -23.12
C VAL A 306 14.12 -13.96 -24.34
N ALA A 307 13.45 -13.24 -25.27
CA ALA A 307 14.07 -12.65 -26.48
C ALA A 307 15.46 -11.99 -26.24
N GLY A 308 16.51 -12.57 -26.84
CA GLY A 308 17.88 -12.07 -26.70
C GLY A 308 18.65 -12.64 -25.52
N SER A 309 17.98 -13.37 -24.62
CA SER A 309 18.64 -13.97 -23.45
C SER A 309 18.33 -15.46 -23.33
N GLU A 310 18.00 -16.11 -24.46
CA GLU A 310 17.66 -17.55 -24.61
C GLU A 310 18.64 -18.48 -23.89
N GLY A 311 19.94 -18.21 -24.02
CA GLY A 311 21.01 -18.96 -23.39
C GLY A 311 21.00 -18.91 -21.88
N ALA A 312 20.78 -17.69 -21.31
CA ALA A 312 20.70 -17.52 -19.86
C ALA A 312 19.36 -18.10 -19.31
N ALA A 313 18.33 -18.18 -20.18
CA ALA A 313 16.98 -18.66 -19.88
C ALA A 313 16.80 -20.18 -19.97
N GLU A 314 17.50 -20.86 -20.91
CA GLU A 314 17.40 -22.32 -21.16
C GLU A 314 17.36 -23.16 -19.88
N GLY A 315 16.33 -24.01 -19.79
CA GLY A 315 16.12 -24.91 -18.65
C GLY A 315 15.22 -24.36 -17.56
N ALA A 316 14.61 -23.18 -17.81
CA ALA A 316 13.73 -22.49 -16.86
C ALA A 316 12.39 -23.19 -16.63
N ILE A 317 11.99 -23.28 -15.36
CA ILE A 317 10.65 -23.77 -15.03
C ILE A 317 9.80 -22.50 -14.77
N THR A 318 8.79 -22.26 -15.62
CA THR A 318 7.89 -21.13 -15.44
C THR A 318 6.44 -21.59 -15.19
N ILE A 319 5.66 -20.77 -14.54
CA ILE A 319 4.27 -21.07 -14.29
C ILE A 319 3.37 -20.07 -14.98
N GLU A 320 2.23 -20.52 -15.47
CA GLU A 320 1.12 -19.65 -15.84
C GLU A 320 -0.19 -20.22 -15.36
N LEU A 321 -1.15 -19.35 -15.14
CA LEU A 321 -2.49 -19.73 -14.66
C LEU A 321 -3.10 -20.57 -15.80
N ALA A 322 -3.77 -21.69 -15.44
CA ALA A 322 -4.34 -22.64 -16.41
C ALA A 322 -5.38 -21.95 -17.30
N SER A 323 -5.16 -22.02 -18.62
CA SER A 323 -6.04 -21.38 -19.58
C SER A 323 -5.91 -22.01 -20.96
N TYR A 324 -6.76 -21.56 -21.86
CA TYR A 324 -6.76 -22.00 -23.25
C TYR A 324 -6.85 -20.79 -24.15
N PRO A 325 -6.31 -20.83 -25.38
CA PRO A 325 -6.57 -19.73 -26.30
C PRO A 325 -8.07 -19.80 -26.62
N ILE A 326 -8.75 -18.65 -26.60
CA ILE A 326 -10.18 -18.62 -26.87
C ILE A 326 -10.46 -18.59 -28.35
N SER A 327 -11.63 -19.12 -28.74
CA SER A 327 -12.10 -19.16 -30.13
C SER A 327 -12.49 -17.75 -30.57
N ASP A 328 -12.50 -17.51 -31.90
CA ASP A 328 -12.92 -16.28 -32.57
C ASP A 328 -12.04 -15.03 -32.33
N PHE A 329 -11.30 -14.96 -31.20
CA PHE A 329 -10.46 -13.79 -30.90
C PHE A 329 -9.24 -13.72 -31.80
N ALA A 330 -8.59 -14.87 -32.13
CA ALA A 330 -7.42 -14.93 -33.04
C ALA A 330 -7.76 -14.34 -34.41
N SER A 331 -8.97 -14.68 -34.91
CA SER A 331 -9.51 -14.18 -36.17
C SER A 331 -9.86 -12.70 -36.01
N TYR A 332 -10.46 -12.32 -34.87
CA TYR A 332 -10.81 -10.93 -34.57
C TYR A 332 -9.56 -10.01 -34.57
N PHE A 333 -8.51 -10.41 -33.80
CA PHE A 333 -7.27 -9.65 -33.66
C PHE A 333 -6.48 -9.50 -34.97
N GLN A 334 -6.30 -10.59 -35.73
CA GLN A 334 -5.57 -10.62 -37.01
C GLN A 334 -6.20 -9.75 -38.11
N SER A 335 -7.53 -9.55 -38.06
CA SER A 335 -8.29 -8.75 -39.02
C SER A 335 -8.27 -7.25 -38.70
N LEU A 336 -7.55 -6.84 -37.62
CA LEU A 336 -7.49 -5.43 -37.23
C LEU A 336 -6.54 -4.66 -38.12
N ASP A 337 -7.01 -3.52 -38.65
CA ASP A 337 -6.26 -2.64 -39.56
C ASP A 337 -6.26 -1.17 -39.09
N PRO A 338 -5.23 -0.35 -39.45
CA PRO A 338 -5.23 1.05 -39.00
C PRO A 338 -6.35 1.97 -39.54
N TRP A 339 -7.32 1.42 -40.32
CA TRP A 339 -8.46 2.19 -40.85
C TRP A 339 -9.81 1.75 -40.31
N ASN A 340 -9.96 0.45 -40.02
CA ASN A 340 -11.19 -0.08 -39.46
C ASN A 340 -11.23 0.06 -37.93
N ASN A 341 -10.04 0.02 -37.29
CA ASN A 341 -9.88 0.09 -35.84
C ASN A 341 -9.57 1.50 -35.31
N SER A 342 -10.53 2.43 -35.52
CA SER A 342 -10.38 3.81 -35.06
C SER A 342 -10.84 3.94 -33.61
N ARG A 343 -11.65 2.97 -33.13
CA ARG A 343 -12.18 2.97 -31.76
C ARG A 343 -11.09 2.85 -30.69
N ASN A 344 -9.96 2.18 -31.02
CA ASN A 344 -8.80 2.02 -30.16
C ASN A 344 -7.75 3.11 -30.51
N PRO A 345 -7.61 4.17 -29.67
CA PRO A 345 -6.67 5.27 -30.00
C PRO A 345 -5.19 4.91 -29.94
N TRP A 346 -4.86 3.73 -29.43
CA TRP A 346 -3.47 3.27 -29.30
C TRP A 346 -3.05 2.28 -30.38
N PHE A 347 -3.98 1.88 -31.26
CA PHE A 347 -3.71 0.89 -32.30
C PHE A 347 -2.66 1.33 -33.35
N ARG A 348 -2.74 2.59 -33.83
CA ARG A 348 -1.78 3.15 -34.81
C ARG A 348 -0.36 3.10 -34.27
N GLU A 349 -0.19 3.44 -32.98
CA GLU A 349 1.10 3.37 -32.28
C GLU A 349 1.57 1.92 -32.10
N PHE A 350 0.63 0.98 -31.89
CA PHE A 350 0.98 -0.44 -31.80
C PHE A 350 1.49 -0.92 -33.18
N TRP A 351 0.75 -0.57 -34.26
CA TRP A 351 1.09 -0.89 -35.66
C TRP A 351 2.50 -0.39 -36.00
N GLU A 352 2.80 0.88 -35.68
CA GLU A 352 4.09 1.51 -35.93
C GLU A 352 5.22 0.72 -35.27
N GLN A 353 5.00 0.29 -34.00
CA GLN A 353 5.97 -0.50 -33.26
C GLN A 353 6.11 -1.90 -33.87
N ARG A 354 4.97 -2.57 -34.18
CA ARG A 354 4.95 -3.93 -34.71
C ARG A 354 5.71 -4.08 -36.05
N PHE A 355 5.42 -3.21 -37.02
CA PHE A 355 6.04 -3.30 -38.34
C PHE A 355 7.27 -2.40 -38.51
N ARG A 356 7.79 -1.84 -37.39
CA ARG A 356 9.01 -1.02 -37.30
C ARG A 356 9.03 0.10 -38.36
N CYS A 357 7.88 0.76 -38.53
CA CYS A 357 7.66 1.80 -39.54
C CYS A 357 6.89 3.03 -38.98
N SER A 358 6.67 4.07 -39.82
CA SER A 358 5.94 5.29 -39.43
C SER A 358 4.84 5.63 -40.45
N PHE A 359 3.67 6.07 -39.96
CA PHE A 359 2.51 6.46 -40.79
C PHE A 359 2.72 7.83 -41.42
N ARG A 360 3.50 8.71 -40.74
CA ARG A 360 3.85 10.06 -41.21
C ARG A 360 4.64 9.93 -42.53
N GLN A 361 5.55 8.94 -42.56
CA GLN A 361 6.38 8.58 -43.71
C GLN A 361 5.60 7.63 -44.65
N ARG A 362 4.44 7.10 -44.19
CA ARG A 362 3.52 6.19 -44.89
C ARG A 362 4.15 4.81 -45.21
N ASP A 363 3.39 3.92 -45.91
CA ASP A 363 3.71 2.54 -46.33
C ASP A 363 3.70 1.52 -45.14
N CYS A 364 3.20 1.96 -43.95
CA CYS A 364 2.97 1.10 -42.78
C CYS A 364 1.75 0.26 -43.11
N ALA A 365 0.81 0.90 -43.83
CA ALA A 365 -0.45 0.38 -44.35
C ALA A 365 -0.29 -0.99 -45.02
N ALA A 366 0.76 -1.15 -45.87
CA ALA A 366 1.08 -2.36 -46.62
C ALA A 366 1.70 -3.45 -45.71
N HIS A 367 0.98 -3.77 -44.65
CA HIS A 367 1.27 -4.81 -43.67
C HIS A 367 -0.07 -5.37 -43.21
N SER A 368 -0.05 -6.60 -42.67
CA SER A 368 -1.24 -7.26 -42.15
C SER A 368 -0.91 -8.18 -40.99
N LEU A 369 -1.72 -8.11 -39.92
CA LEU A 369 -1.56 -8.96 -38.73
C LEU A 369 -1.82 -10.44 -39.09
N ARG A 370 -2.54 -10.67 -40.20
CA ARG A 370 -2.83 -11.99 -40.79
C ARG A 370 -1.55 -12.62 -41.33
N ALA A 371 -0.62 -11.80 -41.87
CA ALA A 371 0.65 -12.25 -42.45
C ALA A 371 1.63 -12.71 -41.38
N VAL A 372 1.71 -11.96 -40.27
CA VAL A 372 2.58 -12.28 -39.14
C VAL A 372 1.95 -13.39 -38.28
N PRO A 373 2.74 -14.16 -37.49
CA PRO A 373 2.13 -15.18 -36.61
C PRO A 373 1.33 -14.55 -35.44
N PHE A 374 0.46 -15.35 -34.80
CA PHE A 374 -0.37 -14.89 -33.69
C PHE A 374 -0.34 -15.84 -32.51
N GLU A 375 0.30 -15.41 -31.42
CA GLU A 375 0.36 -16.16 -30.18
C GLU A 375 -0.51 -15.38 -29.17
N GLN A 376 -1.69 -15.97 -28.86
CA GLN A 376 -2.66 -15.40 -27.96
C GLN A 376 -2.13 -15.37 -26.53
N GLU A 377 -2.09 -14.17 -25.94
CA GLU A 377 -1.61 -13.96 -24.57
C GLU A 377 -2.37 -14.89 -23.63
N SER A 378 -1.61 -15.58 -22.81
CA SER A 378 -2.06 -16.57 -21.85
C SER A 378 -3.31 -16.15 -21.04
N LYS A 379 -3.45 -14.87 -20.67
CA LYS A 379 -4.60 -14.48 -19.83
C LYS A 379 -5.80 -13.90 -20.58
N ILE A 380 -5.82 -14.01 -21.93
CA ILE A 380 -6.93 -13.47 -22.74
C ILE A 380 -8.28 -14.05 -22.26
N MET A 381 -8.31 -15.36 -21.94
CA MET A 381 -9.48 -16.07 -21.41
C MET A 381 -9.98 -15.40 -20.11
N PHE A 382 -9.05 -15.00 -19.24
CA PHE A 382 -9.41 -14.35 -17.95
C PHE A 382 -10.06 -12.99 -18.19
N VAL A 383 -9.64 -12.27 -19.26
CA VAL A 383 -10.20 -10.97 -19.64
C VAL A 383 -11.64 -11.13 -20.07
N VAL A 384 -11.89 -12.04 -21.02
CA VAL A 384 -13.22 -12.36 -21.56
C VAL A 384 -14.12 -12.87 -20.44
N ASN A 385 -13.62 -13.79 -19.56
CA ASN A 385 -14.36 -14.30 -18.39
C ASN A 385 -14.77 -13.17 -17.47
N ALA A 386 -13.85 -12.21 -17.19
CA ALA A 386 -14.15 -11.04 -16.33
C ALA A 386 -15.25 -10.16 -16.90
N VAL A 387 -15.20 -9.88 -18.21
CA VAL A 387 -16.22 -9.04 -18.88
C VAL A 387 -17.56 -9.74 -18.84
N TYR A 388 -17.58 -11.04 -19.20
CA TYR A 388 -18.80 -11.87 -19.15
C TYR A 388 -19.36 -12.01 -17.74
N ALA A 389 -18.49 -12.11 -16.74
CA ALA A 389 -18.92 -12.20 -15.33
C ALA A 389 -19.75 -10.98 -14.94
N MET A 390 -19.33 -9.78 -15.37
CA MET A 390 -20.02 -8.52 -15.10
C MET A 390 -21.35 -8.46 -15.84
N ALA A 391 -21.35 -8.81 -17.16
CA ALA A 391 -22.57 -8.84 -17.96
C ALA A 391 -23.61 -9.78 -17.37
N HIS A 392 -23.20 -11.02 -16.97
CA HIS A 392 -24.09 -12.01 -16.34
C HIS A 392 -24.63 -11.51 -15.01
N ALA A 393 -23.78 -10.87 -14.16
CA ALA A 393 -24.22 -10.30 -12.87
C ALA A 393 -25.25 -9.20 -13.15
N LEU A 394 -24.99 -8.33 -14.16
CA LEU A 394 -25.92 -7.28 -14.58
C LEU A 394 -27.23 -7.87 -15.12
N HIS A 395 -27.12 -8.96 -15.92
CA HIS A 395 -28.25 -9.68 -16.50
C HIS A 395 -29.13 -10.27 -15.41
N ASN A 396 -28.52 -10.99 -14.45
CA ASN A 396 -29.23 -11.59 -13.30
C ASN A 396 -29.89 -10.55 -12.41
N MET A 397 -29.27 -9.39 -12.25
CA MET A 397 -29.82 -8.32 -11.44
C MET A 397 -31.00 -7.73 -12.18
N HIS A 398 -30.87 -7.57 -13.50
CA HIS A 398 -31.92 -7.05 -14.35
C HIS A 398 -33.17 -7.96 -14.29
N ARG A 399 -32.98 -9.28 -14.38
CA ARG A 399 -34.01 -10.31 -14.28
C ARG A 399 -34.82 -10.20 -12.96
N ALA A 400 -34.14 -9.87 -11.85
CA ALA A 400 -34.75 -9.74 -10.53
C ALA A 400 -35.40 -8.39 -10.27
N LEU A 401 -34.70 -7.28 -10.62
CA LEU A 401 -35.14 -5.93 -10.31
C LEU A 401 -36.01 -5.26 -11.39
N CYS A 402 -35.85 -5.68 -12.66
CA CYS A 402 -36.61 -5.13 -13.79
C CYS A 402 -37.38 -6.29 -14.48
N PRO A 403 -38.40 -6.87 -13.82
CA PRO A 403 -39.06 -8.03 -14.44
C PRO A 403 -40.03 -7.68 -15.57
N ASN A 404 -40.61 -6.47 -15.53
CA ASN A 404 -41.62 -6.01 -16.49
C ASN A 404 -41.06 -5.47 -17.83
N THR A 405 -39.73 -5.32 -17.97
CA THR A 405 -39.11 -4.78 -19.18
C THR A 405 -37.73 -5.35 -19.48
N THR A 406 -37.31 -5.34 -20.77
CA THR A 406 -35.98 -5.78 -21.22
C THR A 406 -35.01 -4.59 -21.12
N ARG A 407 -35.56 -3.40 -20.88
CA ARG A 407 -34.86 -2.13 -20.76
C ARG A 407 -34.48 -1.86 -19.29
N LEU A 408 -33.60 -0.87 -19.06
CA LEU A 408 -33.19 -0.49 -17.71
C LEU A 408 -34.29 0.20 -16.94
N CYS A 409 -34.83 -0.47 -15.93
CA CYS A 409 -35.87 0.11 -15.09
C CYS A 409 -35.28 1.04 -14.03
N ASP A 410 -36.15 1.69 -13.23
CA ASP A 410 -35.77 2.63 -12.17
C ASP A 410 -34.88 2.04 -11.09
N ALA A 411 -35.16 0.79 -10.67
CA ALA A 411 -34.44 0.03 -9.64
C ALA A 411 -32.94 -0.06 -9.93
N MET A 412 -32.54 0.09 -11.21
CA MET A 412 -31.17 0.10 -11.70
C MET A 412 -30.83 1.43 -12.35
N ARG A 413 -31.47 2.52 -11.87
CA ARG A 413 -31.20 3.88 -12.34
C ARG A 413 -30.91 4.75 -11.11
N PRO A 414 -29.67 4.73 -10.55
CA PRO A 414 -28.48 3.97 -11.00
C PRO A 414 -28.44 2.57 -10.41
N VAL A 415 -27.49 1.76 -10.90
CA VAL A 415 -27.26 0.41 -10.36
C VAL A 415 -26.63 0.56 -8.96
N ASN A 416 -27.20 -0.12 -7.97
CA ASN A 416 -26.65 -0.12 -6.61
C ASN A 416 -25.43 -1.09 -6.62
N GLY A 417 -24.21 -0.54 -6.52
CA GLY A 417 -22.95 -1.27 -6.50
C GLY A 417 -22.81 -2.33 -5.42
N ARG A 418 -23.25 -2.00 -4.21
CA ARG A 418 -23.25 -2.95 -3.09
C ARG A 418 -24.09 -4.21 -3.40
N ARG A 419 -25.32 -4.04 -3.90
CA ARG A 419 -26.18 -5.16 -4.27
C ARG A 419 -25.63 -5.88 -5.49
N LEU A 420 -25.08 -5.12 -6.46
CA LEU A 420 -24.50 -5.71 -7.66
C LEU A 420 -23.39 -6.70 -7.27
N TYR A 421 -22.44 -6.23 -6.45
CA TYR A 421 -21.32 -7.02 -5.96
C TYR A 421 -21.76 -8.22 -5.12
N LYS A 422 -22.40 -7.98 -3.95
CA LYS A 422 -22.78 -8.99 -2.95
C LYS A 422 -23.80 -10.00 -3.43
N ASP A 423 -24.87 -9.51 -4.06
CA ASP A 423 -25.97 -10.38 -4.46
C ASP A 423 -25.82 -10.98 -5.85
N PHE A 424 -25.06 -10.36 -6.76
CA PHE A 424 -25.00 -10.89 -8.12
C PHE A 424 -23.60 -11.29 -8.60
N VAL A 425 -22.60 -10.39 -8.51
CA VAL A 425 -21.22 -10.72 -8.93
C VAL A 425 -20.69 -11.98 -8.22
N LEU A 426 -20.84 -12.05 -6.89
CA LEU A 426 -20.35 -13.21 -6.12
C LEU A 426 -21.08 -14.53 -6.42
N ASN A 427 -22.31 -14.44 -6.95
CA ASN A 427 -23.14 -15.60 -7.26
C ASN A 427 -23.20 -15.99 -8.75
N VAL A 428 -22.44 -15.34 -9.65
CA VAL A 428 -22.44 -15.76 -11.06
C VAL A 428 -21.89 -17.16 -11.19
N LYS A 429 -22.43 -17.96 -12.11
CA LYS A 429 -21.99 -19.31 -12.42
C LYS A 429 -22.51 -19.62 -13.82
N PHE A 430 -21.61 -19.66 -14.79
CA PHE A 430 -21.97 -19.86 -16.19
C PHE A 430 -20.86 -20.50 -16.94
N ASP A 431 -21.19 -21.13 -18.08
CA ASP A 431 -20.20 -21.79 -18.91
C ASP A 431 -19.31 -20.72 -19.51
N ALA A 432 -17.99 -20.91 -19.38
CA ALA A 432 -16.98 -20.00 -19.87
C ALA A 432 -17.17 -19.75 -21.37
N PRO A 433 -17.39 -18.48 -21.79
CA PRO A 433 -17.62 -18.22 -23.23
C PRO A 433 -16.41 -18.53 -24.12
N PHE A 434 -16.67 -18.92 -25.39
CA PHE A 434 -15.64 -19.25 -26.40
C PHE A 434 -14.67 -20.35 -25.94
N ARG A 435 -15.15 -21.26 -25.07
CA ARG A 435 -14.31 -22.36 -24.55
C ARG A 435 -13.96 -23.38 -25.66
N PRO A 436 -12.86 -24.16 -25.60
CA PRO A 436 -12.57 -25.10 -26.70
C PRO A 436 -13.56 -26.25 -26.75
N ALA A 437 -13.52 -27.03 -27.83
CA ALA A 437 -14.41 -28.18 -28.03
C ALA A 437 -14.17 -29.25 -26.94
N ASP A 438 -15.28 -29.81 -26.40
CA ASP A 438 -15.34 -30.85 -25.36
C ASP A 438 -14.61 -30.43 -24.08
N THR A 439 -15.09 -29.33 -23.47
CA THR A 439 -14.61 -28.73 -22.21
C THR A 439 -15.83 -28.32 -21.37
N HIS A 440 -15.74 -28.41 -20.03
CA HIS A 440 -16.85 -28.05 -19.14
C HIS A 440 -16.50 -26.87 -18.20
N ASN A 441 -15.63 -25.94 -18.68
CA ASN A 441 -15.17 -24.77 -17.91
C ASN A 441 -16.27 -23.80 -17.50
N GLU A 442 -16.37 -23.55 -16.21
CA GLU A 442 -17.34 -22.61 -15.66
C GLU A 442 -16.65 -21.37 -15.03
N VAL A 443 -17.35 -20.24 -15.04
CA VAL A 443 -16.90 -18.99 -14.43
C VAL A 443 -17.74 -18.74 -13.18
N ARG A 444 -17.05 -18.60 -12.05
CA ARG A 444 -17.65 -18.34 -10.74
C ARG A 444 -16.61 -17.73 -9.83
N PHE A 445 -17.01 -17.33 -8.62
CA PHE A 445 -16.11 -16.80 -7.60
C PHE A 445 -16.36 -17.54 -6.29
N ASP A 446 -15.33 -17.68 -5.46
CA ASP A 446 -15.50 -18.25 -4.12
C ASP A 446 -16.07 -17.13 -3.20
N ARG A 447 -16.28 -17.41 -1.89
CA ARG A 447 -16.79 -16.44 -0.87
C ARG A 447 -16.14 -15.03 -0.93
N PHE A 448 -14.84 -15.00 -1.24
CA PHE A 448 -14.00 -13.81 -1.20
C PHE A 448 -13.75 -13.14 -2.57
N GLY A 449 -14.42 -13.62 -3.61
CA GLY A 449 -14.31 -13.10 -4.97
C GLY A 449 -13.12 -13.62 -5.73
N ASP A 450 -12.50 -14.70 -5.27
CA ASP A 450 -11.30 -15.24 -5.94
C ASP A 450 -11.59 -16.36 -6.91
N GLY A 451 -10.69 -16.55 -7.89
CA GLY A 451 -10.74 -17.63 -8.86
C GLY A 451 -10.15 -18.91 -8.27
N ILE A 452 -10.10 -20.00 -9.05
CA ILE A 452 -9.60 -21.32 -8.60
C ILE A 452 -8.10 -21.57 -8.92
N GLY A 453 -7.36 -22.03 -7.90
CA GLY A 453 -5.94 -22.32 -7.99
C GLY A 453 -5.51 -23.45 -8.93
N ARG A 454 -5.60 -23.23 -10.25
CA ARG A 454 -5.16 -24.21 -11.27
C ARG A 454 -4.05 -23.59 -12.13
N TYR A 455 -2.88 -24.24 -12.20
CA TYR A 455 -1.73 -23.71 -12.97
C TYR A 455 -1.12 -24.68 -13.95
N ASN A 456 -0.57 -24.15 -15.06
CA ASN A 456 0.20 -24.92 -16.05
C ASN A 456 1.68 -24.66 -15.82
N ILE A 457 2.49 -25.73 -15.96
CA ILE A 457 3.95 -25.68 -15.75
C ILE A 457 4.67 -25.82 -17.08
N PHE A 458 5.65 -24.93 -17.33
CA PHE A 458 6.38 -24.89 -18.58
C PHE A 458 7.85 -24.96 -18.36
N THR A 459 8.54 -25.38 -19.42
CA THR A 459 9.99 -25.39 -19.45
C THR A 459 10.42 -24.63 -20.69
N TYR A 460 11.52 -23.88 -20.56
CA TYR A 460 12.04 -23.17 -21.69
C TYR A 460 13.19 -23.99 -22.29
N LEU A 461 12.99 -24.46 -23.53
CA LEU A 461 13.91 -25.36 -24.26
C LEU A 461 14.23 -24.98 -25.70
N ARG A 462 15.34 -25.52 -26.24
CA ARG A 462 15.71 -25.36 -27.65
C ARG A 462 15.13 -26.56 -28.42
N ALA A 463 14.21 -26.27 -29.35
CA ALA A 463 13.53 -27.28 -30.17
C ALA A 463 14.42 -27.77 -31.34
N GLY A 464 14.03 -28.91 -31.93
CA GLY A 464 14.73 -29.55 -33.05
C GLY A 464 15.06 -28.66 -34.23
N SER A 465 14.17 -27.66 -34.50
CA SER A 465 14.34 -26.67 -35.58
C SER A 465 15.38 -25.58 -35.23
N GLY A 466 16.00 -25.71 -34.05
CA GLY A 466 17.00 -24.78 -33.54
C GLY A 466 16.41 -23.62 -32.75
N ARG A 467 15.10 -23.36 -32.94
CA ARG A 467 14.36 -22.27 -32.27
C ARG A 467 14.14 -22.57 -30.78
N TYR A 468 14.22 -21.53 -29.94
CA TYR A 468 13.97 -21.67 -28.51
C TYR A 468 12.47 -21.48 -28.29
N ARG A 469 11.87 -22.25 -27.35
CA ARG A 469 10.43 -22.21 -27.04
C ARG A 469 10.03 -22.80 -25.65
N TYR A 470 8.79 -22.47 -25.23
CA TYR A 470 8.17 -22.93 -23.98
C TYR A 470 7.37 -24.20 -24.27
N GLN A 471 7.47 -25.22 -23.39
CA GLN A 471 6.70 -26.46 -23.54
C GLN A 471 5.93 -26.78 -22.27
N LYS A 472 4.65 -27.16 -22.41
CA LYS A 472 3.81 -27.60 -21.28
C LYS A 472 4.39 -28.95 -20.78
N VAL A 473 4.91 -28.99 -19.52
CA VAL A 473 5.55 -30.17 -18.90
C VAL A 473 4.89 -30.63 -17.58
N GLY A 474 3.81 -29.95 -17.21
CA GLY A 474 3.10 -30.23 -15.99
C GLY A 474 1.97 -29.27 -15.68
N TYR A 475 1.41 -29.43 -14.48
CA TYR A 475 0.31 -28.63 -13.96
C TYR A 475 0.16 -28.86 -12.48
N TRP A 476 -0.57 -27.95 -11.81
CA TRP A 476 -0.86 -28.01 -10.39
C TRP A 476 -2.32 -27.63 -10.22
N ALA A 477 -3.05 -28.46 -9.47
CA ALA A 477 -4.46 -28.31 -9.14
C ALA A 477 -4.67 -29.21 -7.95
N GLU A 478 -4.30 -28.70 -6.77
CA GLU A 478 -4.33 -29.41 -5.48
C GLU A 478 -3.44 -30.63 -5.61
N GLY A 479 -2.17 -30.35 -5.90
CA GLY A 479 -1.15 -31.37 -6.10
C GLY A 479 -0.43 -31.19 -7.41
N LEU A 480 0.87 -31.54 -7.37
CA LEU A 480 1.76 -31.43 -8.50
C LEU A 480 1.76 -32.67 -9.39
N THR A 481 1.64 -32.43 -10.69
CA THR A 481 1.74 -33.45 -11.72
C THR A 481 2.69 -32.91 -12.80
N LEU A 482 3.86 -33.52 -12.92
CA LEU A 482 4.79 -33.15 -13.99
C LEU A 482 5.39 -34.38 -14.62
N ASP A 483 5.74 -34.31 -15.90
CA ASP A 483 6.39 -35.44 -16.52
C ASP A 483 7.78 -35.05 -17.01
N THR A 484 8.79 -35.63 -16.33
CA THR A 484 10.22 -35.48 -16.57
C THR A 484 10.59 -35.68 -18.05
N SER A 485 9.88 -36.58 -18.74
CA SER A 485 10.09 -36.93 -20.14
C SER A 485 10.18 -35.72 -21.09
N LEU A 486 9.31 -34.71 -20.91
CA LEU A 486 9.27 -33.53 -21.78
C LEU A 486 10.29 -32.46 -21.42
N ILE A 487 10.93 -32.61 -20.24
CA ILE A 487 11.97 -31.70 -19.74
C ILE A 487 13.35 -32.22 -20.24
N PRO A 488 14.02 -31.51 -21.19
CA PRO A 488 15.32 -32.01 -21.72
C PRO A 488 16.40 -32.35 -20.70
N TRP A 489 16.51 -31.59 -19.59
CA TRP A 489 17.48 -31.88 -18.53
C TRP A 489 16.88 -32.91 -17.56
N LYS B 25 -20.26 11.02 10.05
CA LYS B 25 -19.33 11.30 11.17
C LYS B 25 -19.15 12.80 11.36
N LYS B 26 -18.78 13.22 12.60
CA LYS B 26 -18.59 14.65 12.85
C LYS B 26 -17.22 15.13 12.43
N VAL B 27 -17.14 16.43 12.22
CA VAL B 27 -15.93 17.11 11.75
C VAL B 27 -15.73 18.37 12.59
N LEU B 28 -14.48 18.80 12.69
CA LEU B 28 -14.08 19.99 13.39
C LEU B 28 -13.75 20.99 12.29
N THR B 29 -14.46 22.11 12.25
CA THR B 29 -14.23 23.16 11.25
C THR B 29 -14.02 24.50 11.91
N LEU B 30 -12.99 25.23 11.47
CA LEU B 30 -12.65 26.58 11.90
C LEU B 30 -12.49 27.40 10.67
N GLU B 31 -13.11 28.56 10.67
CA GLU B 31 -13.09 29.50 9.54
C GLU B 31 -11.73 30.17 9.40
N GLY B 32 -11.37 30.40 8.15
CA GLY B 32 -10.16 31.12 7.78
C GLY B 32 -10.18 31.47 6.31
N ASP B 33 -9.19 32.30 5.89
CA ASP B 33 -8.96 32.69 4.50
C ASP B 33 -8.42 31.48 3.73
N LEU B 34 -7.59 30.69 4.39
CA LEU B 34 -7.05 29.44 3.89
C LEU B 34 -7.32 28.42 4.98
N VAL B 35 -7.76 27.23 4.57
CA VAL B 35 -8.14 26.15 5.49
C VAL B 35 -7.17 24.98 5.44
N LEU B 36 -6.62 24.60 6.61
CA LEU B 36 -5.73 23.46 6.73
C LEU B 36 -6.47 22.24 7.20
N GLY B 37 -6.33 21.19 6.41
CA GLY B 37 -6.85 19.89 6.79
C GLY B 37 -6.02 19.31 7.91
N GLY B 38 -6.67 18.52 8.75
CA GLY B 38 -6.00 17.87 9.86
C GLY B 38 -6.45 16.44 9.93
N LEU B 39 -5.56 15.52 10.37
CA LEU B 39 -5.93 14.12 10.50
C LEU B 39 -5.34 13.53 11.77
N PHE B 40 -6.18 12.98 12.66
CA PHE B 40 -5.66 12.45 13.92
C PHE B 40 -6.38 11.19 14.32
N PRO B 41 -5.74 10.30 15.14
CA PRO B 41 -6.47 9.11 15.62
C PRO B 41 -7.25 9.45 16.89
N VAL B 42 -8.27 10.29 16.73
CA VAL B 42 -9.13 10.77 17.83
C VAL B 42 -9.73 9.56 18.57
N HIS B 43 -10.08 8.52 17.84
CA HIS B 43 -10.54 7.30 18.45
C HIS B 43 -9.65 6.16 18.11
N GLN B 44 -9.66 5.13 18.95
N GLN B 44 -9.69 5.12 18.97
CA GLN B 44 -8.99 3.87 18.69
CA GLN B 44 -9.06 3.81 18.75
C GLN B 44 -9.79 3.14 17.59
C GLN B 44 -9.80 3.15 17.56
N LYS B 45 -9.25 2.04 17.06
CA LYS B 45 -9.88 1.17 16.05
C LYS B 45 -11.06 0.50 16.79
N GLY B 46 -12.15 0.27 16.08
CA GLY B 46 -13.31 -0.37 16.68
C GLY B 46 -13.22 -1.88 16.74
N GLY B 47 -14.30 -2.51 17.15
CA GLY B 47 -14.39 -3.97 17.22
C GLY B 47 -14.59 -4.62 15.86
N PRO B 48 -15.22 -5.82 15.80
CA PRO B 48 -15.42 -6.49 14.50
C PRO B 48 -16.48 -5.84 13.61
N ALA B 49 -17.47 -5.17 14.22
CA ALA B 49 -18.54 -4.51 13.48
C ALA B 49 -18.24 -3.06 13.12
N GLU B 50 -17.84 -2.24 14.13
CA GLU B 50 -17.59 -0.79 14.09
C GLU B 50 -16.18 -0.38 13.68
N ASP B 51 -16.04 0.76 12.96
CA ASP B 51 -14.72 1.28 12.57
C ASP B 51 -14.03 1.95 13.75
N CYS B 52 -14.82 2.61 14.60
CA CYS B 52 -14.35 3.44 15.69
C CYS B 52 -14.65 2.88 17.07
N GLY B 53 -13.62 2.85 17.91
CA GLY B 53 -13.70 2.42 19.29
C GLY B 53 -13.59 3.58 20.26
N PRO B 54 -13.01 3.34 21.45
CA PRO B 54 -12.92 4.42 22.45
C PRO B 54 -12.04 5.61 22.06
N VAL B 55 -12.27 6.75 22.73
CA VAL B 55 -11.49 7.97 22.58
C VAL B 55 -10.04 7.67 22.94
N ASN B 56 -9.15 8.15 22.08
CA ASN B 56 -7.72 8.04 22.19
C ASN B 56 -7.20 9.39 22.78
N GLU B 57 -7.05 9.43 24.10
CA GLU B 57 -6.67 10.62 24.87
C GLU B 57 -5.30 11.24 24.49
N HIS B 58 -4.21 10.48 24.52
CA HIS B 58 -2.87 11.07 24.36
C HIS B 58 -2.49 11.37 22.93
N ARG B 59 -2.43 10.33 22.06
CA ARG B 59 -2.05 10.51 20.66
C ARG B 59 -3.21 10.99 19.78
N GLY B 60 -4.41 11.12 20.36
CA GLY B 60 -5.57 11.58 19.63
C GLY B 60 -5.91 13.00 20.00
N ILE B 61 -6.55 13.14 21.14
CA ILE B 61 -7.04 14.39 21.71
C ILE B 61 -5.95 15.45 21.95
N GLN B 62 -4.87 15.08 22.59
CA GLN B 62 -3.80 16.04 22.82
C GLN B 62 -3.20 16.56 21.50
N ARG B 63 -2.92 15.65 20.55
CA ARG B 63 -2.34 16.04 19.26
C ARG B 63 -3.28 16.94 18.47
N LEU B 64 -4.57 16.61 18.48
CA LEU B 64 -5.58 17.45 17.81
C LEU B 64 -5.57 18.88 18.43
N GLU B 65 -5.60 18.95 19.76
CA GLU B 65 -5.59 20.21 20.52
C GLU B 65 -4.29 20.95 20.30
N ALA B 66 -3.16 20.23 20.04
CA ALA B 66 -1.87 20.87 19.72
C ALA B 66 -1.97 21.61 18.39
N MET B 67 -2.66 21.02 17.39
CA MET B 67 -2.87 21.69 16.11
C MET B 67 -3.74 22.94 16.30
N LEU B 68 -4.76 22.87 17.16
CA LEU B 68 -5.64 24.01 17.45
C LEU B 68 -4.86 25.16 18.17
N PHE B 69 -4.05 24.79 19.18
CA PHE B 69 -3.15 25.66 19.95
C PHE B 69 -2.18 26.38 18.97
N ALA B 70 -1.55 25.62 18.05
CA ALA B 70 -0.60 26.16 17.05
C ALA B 70 -1.28 27.17 16.14
N LEU B 71 -2.49 26.85 15.67
CA LEU B 71 -3.30 27.70 14.79
C LEU B 71 -3.68 28.99 15.50
N ASP B 72 -4.07 28.90 16.79
CA ASP B 72 -4.39 30.08 17.60
C ASP B 72 -3.20 31.03 17.71
N ARG B 73 -1.99 30.50 18.01
N ARG B 73 -2.00 30.50 18.00
CA ARG B 73 -0.77 31.28 18.15
CA ARG B 73 -0.75 31.25 18.14
C ARG B 73 -0.32 31.91 16.81
C ARG B 73 -0.30 31.89 16.81
N ILE B 74 -0.40 31.15 15.69
CA ILE B 74 -0.05 31.65 14.34
C ILE B 74 -0.98 32.85 13.97
N ASN B 75 -2.31 32.68 14.27
CA ASN B 75 -3.36 33.64 14.00
C ASN B 75 -3.24 34.94 14.82
N ARG B 76 -2.39 34.96 15.84
CA ARG B 76 -2.10 36.13 16.68
C ARG B 76 -0.64 36.59 16.47
N ASP B 77 0.12 35.89 15.60
CA ASP B 77 1.51 36.20 15.29
C ASP B 77 1.58 37.33 14.26
N PRO B 78 2.13 38.51 14.63
CA PRO B 78 2.22 39.61 13.66
C PRO B 78 3.28 39.37 12.55
N HIS B 79 4.27 38.48 12.81
CA HIS B 79 5.35 38.11 11.89
C HIS B 79 5.05 36.87 11.02
N LEU B 80 3.85 36.27 11.18
CA LEU B 80 3.49 35.08 10.41
C LEU B 80 2.05 35.22 9.92
N LEU B 81 1.86 35.37 8.57
CA LEU B 81 0.55 35.55 7.93
C LEU B 81 -0.33 36.66 8.65
N PRO B 82 0.17 37.91 8.87
CA PRO B 82 -0.65 38.93 9.58
C PRO B 82 -2.02 39.23 8.96
N GLY B 83 -2.17 39.08 7.65
CA GLY B 83 -3.44 39.36 6.97
C GLY B 83 -4.20 38.15 6.43
N VAL B 84 -3.73 36.94 6.80
CA VAL B 84 -4.34 35.68 6.31
C VAL B 84 -4.64 34.81 7.51
N ARG B 85 -5.93 34.69 7.84
CA ARG B 85 -6.39 33.82 8.94
C ARG B 85 -6.33 32.35 8.48
N LEU B 86 -5.75 31.48 9.34
CA LEU B 86 -5.71 30.04 9.05
C LEU B 86 -6.85 29.30 9.73
N GLY B 87 -7.75 28.73 8.93
CA GLY B 87 -8.84 27.90 9.42
C GLY B 87 -8.41 26.44 9.43
N ALA B 88 -9.35 25.55 9.79
CA ALA B 88 -9.10 24.11 9.88
C ALA B 88 -10.31 23.25 9.50
N HIS B 89 -10.03 22.03 9.00
CA HIS B 89 -10.99 20.98 8.67
C HIS B 89 -10.29 19.72 9.17
N ILE B 90 -10.60 19.36 10.42
CA ILE B 90 -9.95 18.25 11.11
C ILE B 90 -10.87 17.04 11.14
N LEU B 91 -10.31 15.92 10.66
CA LEU B 91 -10.97 14.64 10.58
C LEU B 91 -10.30 13.64 11.51
N ASP B 92 -11.05 12.59 11.90
CA ASP B 92 -10.66 11.48 12.75
C ASP B 92 -10.39 10.25 11.87
N SER B 93 -9.20 9.65 12.05
CA SER B 93 -8.82 8.48 11.27
C SER B 93 -9.38 7.17 11.87
N CYS B 94 -9.82 7.22 13.15
CA CYS B 94 -10.24 6.05 13.95
C CYS B 94 -9.16 4.97 13.94
N SER B 95 -7.88 5.42 13.79
CA SER B 95 -6.69 4.57 13.81
C SER B 95 -6.74 3.48 12.71
N LYS B 96 -7.42 3.77 11.62
CA LYS B 96 -7.65 2.78 10.58
C LYS B 96 -7.55 3.45 9.23
N ASP B 97 -6.67 2.93 8.38
CA ASP B 97 -6.42 3.55 7.09
C ASP B 97 -7.65 3.65 6.18
N THR B 98 -8.51 2.58 6.12
CA THR B 98 -9.73 2.62 5.30
C THR B 98 -10.69 3.68 5.81
N HIS B 99 -10.81 3.80 7.13
CA HIS B 99 -11.69 4.83 7.69
C HIS B 99 -11.12 6.24 7.40
N ALA B 100 -9.78 6.39 7.50
CA ALA B 100 -9.11 7.67 7.20
C ALA B 100 -9.34 8.08 5.74
N LEU B 101 -9.27 7.12 4.82
CA LEU B 101 -9.48 7.39 3.40
C LEU B 101 -10.89 7.87 3.10
N GLU B 102 -11.90 7.23 3.71
CA GLU B 102 -13.32 7.60 3.62
C GLU B 102 -13.51 9.04 4.10
N GLN B 103 -12.89 9.39 5.25
CA GLN B 103 -12.97 10.76 5.81
C GLN B 103 -12.25 11.75 4.91
N ALA B 104 -11.07 11.34 4.38
CA ALA B 104 -10.20 12.17 3.54
C ALA B 104 -10.84 12.63 2.24
N LEU B 105 -12.01 12.03 1.83
CA LEU B 105 -12.81 12.49 0.69
C LEU B 105 -13.30 13.92 0.86
N ASP B 106 -13.55 14.36 2.12
CA ASP B 106 -13.92 15.76 2.38
C ASP B 106 -12.85 16.73 1.92
N PHE B 107 -11.57 16.28 1.88
CA PHE B 107 -10.46 17.16 1.51
C PHE B 107 -10.39 17.43 0.02
N VAL B 108 -10.98 16.53 -0.77
CA VAL B 108 -10.88 16.56 -2.22
C VAL B 108 -12.22 16.84 -2.93
N ARG B 109 -13.38 16.65 -2.25
CA ARG B 109 -14.68 16.80 -2.91
C ARG B 109 -14.91 18.23 -3.47
N ALA B 110 -14.25 19.25 -2.87
CA ALA B 110 -14.27 20.63 -3.37
C ALA B 110 -13.36 20.79 -4.60
N SER B 111 -13.25 19.72 -5.43
CA SER B 111 -12.44 19.63 -6.65
C SER B 111 -12.82 18.40 -7.52
N LEU B 112 -13.72 17.52 -7.00
CA LEU B 112 -14.25 16.29 -7.62
C LEU B 112 -13.21 15.17 -7.71
N THR B 136 -15.41 23.66 -0.08
CA THR B 136 -14.58 23.42 1.12
C THR B 136 -13.18 24.06 1.01
N ALA B 137 -12.44 23.74 -0.08
CA ALA B 137 -11.08 24.18 -0.44
C ALA B 137 -10.02 23.95 0.68
N ILE B 138 -9.21 22.90 0.51
CA ILE B 138 -8.15 22.52 1.45
C ILE B 138 -6.81 22.89 0.86
N THR B 139 -6.07 23.75 1.56
CA THR B 139 -4.75 24.23 1.09
C THR B 139 -3.64 23.18 1.33
N GLY B 140 -3.65 22.56 2.51
CA GLY B 140 -2.69 21.53 2.88
C GLY B 140 -3.29 20.67 3.99
N VAL B 141 -2.69 19.49 4.22
CA VAL B 141 -3.17 18.58 5.26
C VAL B 141 -2.01 18.28 6.27
N ILE B 142 -2.35 18.30 7.56
CA ILE B 142 -1.47 17.97 8.68
C ILE B 142 -1.96 16.59 9.18
N GLY B 143 -1.13 15.57 9.03
CA GLY B 143 -1.44 14.21 9.46
C GLY B 143 -1.03 13.18 8.42
N GLY B 144 -1.33 11.91 8.69
CA GLY B 144 -1.93 11.44 9.93
C GLY B 144 -0.85 11.02 10.90
N SER B 145 -1.20 10.15 11.86
CA SER B 145 -0.27 9.60 12.85
C SER B 145 0.34 8.31 12.35
N TYR B 146 -0.50 7.29 12.16
CA TYR B 146 -0.07 5.97 11.69
C TYR B 146 0.43 6.00 10.26
N SER B 147 1.55 5.34 9.99
CA SER B 147 2.14 5.28 8.65
C SER B 147 1.19 4.75 7.57
N ASP B 148 0.40 3.70 7.86
CA ASP B 148 -0.58 3.13 6.93
C ASP B 148 -1.67 4.15 6.57
N VAL B 149 -2.11 4.95 7.55
CA VAL B 149 -3.10 6.03 7.33
C VAL B 149 -2.46 7.09 6.39
N SER B 150 -1.22 7.57 6.71
CA SER B 150 -0.54 8.60 5.92
C SER B 150 -0.28 8.17 4.50
N ILE B 151 0.12 6.91 4.27
CA ILE B 151 0.32 6.34 2.92
C ILE B 151 -1.00 6.29 2.14
N GLN B 152 -2.08 5.73 2.73
CA GLN B 152 -3.41 5.63 2.07
C GLN B 152 -3.93 7.03 1.70
N VAL B 153 -3.78 7.98 2.64
CA VAL B 153 -4.24 9.37 2.45
C VAL B 153 -3.37 10.08 1.42
N ALA B 154 -2.05 9.89 1.49
CA ALA B 154 -1.11 10.50 0.52
C ALA B 154 -1.46 10.13 -0.91
N ASN B 155 -1.87 8.87 -1.16
CA ASN B 155 -2.19 8.39 -2.51
C ASN B 155 -3.42 9.03 -3.08
N LEU B 156 -4.33 9.52 -2.21
CA LEU B 156 -5.50 10.27 -2.61
C LEU B 156 -5.14 11.78 -2.77
N LEU B 157 -4.43 12.37 -1.80
CA LEU B 157 -4.10 13.80 -1.82
C LEU B 157 -3.28 14.26 -3.02
N ARG B 158 -2.28 13.45 -3.43
CA ARG B 158 -1.40 13.75 -4.56
C ARG B 158 -2.17 13.89 -5.89
N LEU B 159 -3.34 13.25 -5.99
CA LEU B 159 -4.20 13.29 -7.17
C LEU B 159 -4.82 14.66 -7.38
N PHE B 160 -4.81 15.50 -6.33
CA PHE B 160 -5.40 16.84 -6.33
C PHE B 160 -4.34 17.83 -5.93
N GLN B 161 -3.06 17.40 -5.91
CA GLN B 161 -1.88 18.23 -5.60
C GLN B 161 -1.98 18.90 -4.23
N ILE B 162 -2.55 18.20 -3.23
CA ILE B 162 -2.66 18.79 -1.90
C ILE B 162 -1.41 18.44 -1.09
N PRO B 163 -0.61 19.43 -0.64
CA PRO B 163 0.56 19.12 0.18
C PRO B 163 0.18 18.51 1.54
N GLN B 164 1.01 17.59 2.04
CA GLN B 164 0.72 16.89 3.28
C GLN B 164 1.95 16.82 4.13
N ILE B 165 1.81 17.17 5.43
CA ILE B 165 2.91 17.10 6.40
C ILE B 165 2.50 16.22 7.59
N SER B 166 3.15 15.05 7.76
CA SER B 166 2.89 14.19 8.94
C SER B 166 3.76 14.57 10.11
N TYR B 167 3.23 14.42 11.31
CA TYR B 167 3.92 14.72 12.56
C TYR B 167 4.32 13.41 13.29
N ALA B 168 4.03 12.21 12.73
CA ALA B 168 4.29 10.95 13.44
C ALA B 168 4.57 9.73 12.57
N SER B 169 4.29 9.78 11.27
CA SER B 169 4.48 8.63 10.39
C SER B 169 5.96 8.49 10.04
N THR B 170 6.59 7.42 10.54
CA THR B 170 8.02 7.16 10.43
C THR B 170 8.42 6.10 9.36
N SER B 171 7.46 5.48 8.67
CA SER B 171 7.78 4.49 7.64
C SER B 171 8.78 5.01 6.61
N ALA B 172 9.84 4.24 6.36
CA ALA B 172 10.89 4.56 5.37
C ALA B 172 10.32 4.69 3.95
N LYS B 173 9.26 3.94 3.61
CA LYS B 173 8.62 4.05 2.27
C LYS B 173 8.25 5.49 1.92
N LEU B 174 7.80 6.27 2.93
CA LEU B 174 7.35 7.65 2.71
C LEU B 174 8.45 8.60 2.23
N SER B 175 9.73 8.18 2.30
CA SER B 175 10.89 8.96 1.80
C SER B 175 10.96 8.96 0.28
N ASP B 176 10.24 8.04 -0.39
CA ASP B 176 10.23 7.92 -1.87
C ASP B 176 9.35 8.98 -2.52
N LYS B 177 9.97 10.02 -3.10
CA LYS B 177 9.26 11.14 -3.72
C LYS B 177 8.73 10.83 -5.10
N SER B 178 9.01 9.65 -5.64
CA SER B 178 8.44 9.29 -6.93
C SER B 178 7.04 8.74 -6.69
N ARG B 179 6.75 8.28 -5.46
CA ARG B 179 5.45 7.72 -5.07
C ARG B 179 4.69 8.71 -4.17
N TYR B 180 5.41 9.37 -3.22
CA TYR B 180 4.78 10.30 -2.25
C TYR B 180 5.33 11.70 -2.47
N ASP B 181 5.01 12.23 -3.64
CA ASP B 181 5.45 13.49 -4.22
C ASP B 181 4.77 14.72 -3.65
N TYR B 182 3.80 14.52 -2.72
CA TYR B 182 3.11 15.62 -2.04
C TYR B 182 3.19 15.44 -0.56
N PHE B 183 4.08 14.55 -0.12
CA PHE B 183 4.26 14.21 1.28
C PHE B 183 5.58 14.73 1.84
N ALA B 184 5.51 15.27 3.04
CA ALA B 184 6.64 15.73 3.84
C ALA B 184 6.25 15.38 5.27
N ARG B 185 7.24 15.35 6.18
CA ARG B 185 7.04 15.03 7.57
C ARG B 185 8.07 15.72 8.45
N THR B 186 7.69 16.07 9.70
CA THR B 186 8.59 16.69 10.68
C THR B 186 9.38 15.62 11.45
N VAL B 187 9.18 14.35 11.09
CA VAL B 187 9.83 13.21 11.75
C VAL B 187 10.77 12.46 10.80
N PRO B 188 11.83 11.79 11.32
CA PRO B 188 12.74 11.03 10.42
C PRO B 188 12.18 9.65 9.97
N PRO B 189 12.78 9.04 8.91
CA PRO B 189 12.36 7.67 8.54
C PRO B 189 12.95 6.60 9.48
N ASP B 190 12.33 5.43 9.51
CA ASP B 190 12.76 4.34 10.38
C ASP B 190 14.02 3.61 9.91
N PHE B 191 14.64 4.11 8.83
CA PHE B 191 15.94 3.65 8.36
C PHE B 191 16.92 3.90 9.52
N PHE B 192 16.79 5.09 10.18
CA PHE B 192 17.60 5.50 11.32
C PHE B 192 17.19 4.81 12.63
N GLN B 193 15.87 4.75 12.93
CA GLN B 193 15.39 4.12 14.17
C GLN B 193 15.89 2.65 14.33
N ALA B 194 15.83 1.90 13.23
CA ALA B 194 16.29 0.51 13.13
C ALA B 194 17.79 0.38 13.45
N LYS B 195 18.64 1.35 13.02
CA LYS B 195 20.08 1.36 13.35
C LYS B 195 20.25 1.56 14.83
N ALA B 196 19.52 2.55 15.41
CA ALA B 196 19.58 2.85 16.84
C ALA B 196 19.28 1.60 17.69
N MET B 197 18.28 0.80 17.28
CA MET B 197 17.88 -0.41 17.98
C MET B 197 18.88 -1.55 17.81
N ALA B 198 19.49 -1.69 16.63
CA ALA B 198 20.50 -2.71 16.37
C ALA B 198 21.76 -2.45 17.23
N GLU B 199 22.16 -1.16 17.32
CA GLU B 199 23.29 -0.68 18.07
C GLU B 199 23.12 -0.81 19.56
N ILE B 200 21.84 -0.73 20.09
CA ILE B 200 21.57 -0.94 21.52
C ILE B 200 21.92 -2.41 21.82
N LEU B 201 21.44 -3.34 20.95
CA LEU B 201 21.66 -4.78 21.09
C LEU B 201 23.15 -5.09 21.01
N ARG B 202 23.86 -4.46 20.04
CA ARG B 202 25.29 -4.61 19.82
C ARG B 202 26.11 -4.19 21.05
N PHE B 203 25.79 -3.04 21.65
CA PHE B 203 26.44 -2.55 22.87
C PHE B 203 26.32 -3.54 24.06
N PHE B 204 25.12 -4.14 24.27
CA PHE B 204 24.88 -5.10 25.36
C PHE B 204 25.26 -6.54 25.00
N ASN B 205 25.69 -6.75 23.74
CA ASN B 205 26.11 -8.01 23.14
C ASN B 205 24.95 -9.02 23.07
N TRP B 206 23.75 -8.50 22.81
CA TRP B 206 22.54 -9.31 22.63
C TRP B 206 22.56 -9.77 21.18
N THR B 207 23.19 -10.94 20.93
CA THR B 207 23.41 -11.49 19.60
C THR B 207 22.41 -12.55 19.15
N TYR B 208 21.50 -12.96 20.06
CA TYR B 208 20.48 -13.96 19.76
C TYR B 208 19.15 -13.43 20.27
N VAL B 209 18.36 -12.82 19.35
CA VAL B 209 17.10 -12.14 19.68
C VAL B 209 15.90 -12.58 18.82
N SER B 210 14.68 -12.31 19.33
CA SER B 210 13.44 -12.53 18.62
C SER B 210 12.82 -11.16 18.23
N THR B 211 11.99 -11.14 17.19
CA THR B 211 11.35 -9.91 16.75
C THR B 211 9.83 -10.05 16.65
N VAL B 212 9.09 -8.93 16.89
CA VAL B 212 7.65 -8.86 16.73
C VAL B 212 7.33 -7.58 15.98
N ALA B 213 6.61 -7.71 14.85
CA ALA B 213 6.27 -6.56 14.03
C ALA B 213 4.76 -6.43 13.88
N SER B 214 4.27 -5.18 13.84
CA SER B 214 2.85 -4.91 13.58
C SER B 214 2.68 -5.13 12.10
N GLU B 215 1.58 -5.75 11.69
CA GLU B 215 1.31 -5.95 10.26
C GLU B 215 1.11 -4.54 9.68
N GLY B 216 1.63 -4.31 8.48
CA GLY B 216 1.52 -3.02 7.83
C GLY B 216 2.88 -2.45 7.49
N ASP B 217 2.87 -1.28 6.86
CA ASP B 217 4.09 -0.61 6.47
C ASP B 217 5.03 -0.35 7.63
N TYR B 218 4.57 0.37 8.67
CA TYR B 218 5.39 0.67 9.85
C TYR B 218 6.14 -0.53 10.46
N GLY B 219 5.39 -1.50 10.99
CA GLY B 219 5.98 -2.64 11.68
C GLY B 219 6.88 -3.53 10.86
N GLU B 220 6.39 -3.95 9.67
CA GLU B 220 7.09 -4.87 8.76
C GLU B 220 8.34 -4.28 8.13
N THR B 221 8.24 -3.09 7.55
CA THR B 221 9.39 -2.46 6.92
C THR B 221 10.38 -1.97 7.99
N GLY B 222 9.89 -1.72 9.20
CA GLY B 222 10.72 -1.34 10.34
C GLY B 222 11.52 -2.54 10.84
N ILE B 223 10.84 -3.70 10.98
CA ILE B 223 11.52 -4.91 11.42
C ILE B 223 12.50 -5.42 10.33
N GLU B 224 12.16 -5.30 9.03
CA GLU B 224 13.01 -5.65 7.88
C GLU B 224 14.33 -4.85 7.94
N ALA B 225 14.24 -3.52 8.24
CA ALA B 225 15.39 -2.64 8.40
C ALA B 225 16.17 -3.01 9.63
N PHE B 226 15.47 -3.34 10.74
CA PHE B 226 16.13 -3.75 11.98
C PHE B 226 16.96 -5.02 11.76
N GLU B 227 16.36 -6.03 11.11
CA GLU B 227 16.96 -7.35 10.86
C GLU B 227 18.19 -7.24 9.95
N LEU B 228 18.16 -6.32 8.97
CA LEU B 228 19.28 -6.03 8.06
C LEU B 228 20.42 -5.42 8.89
N GLU B 229 20.08 -4.43 9.72
CA GLU B 229 21.03 -3.72 10.58
C GLU B 229 21.62 -4.63 11.67
N ALA B 230 20.83 -5.59 12.18
CA ALA B 230 21.28 -6.53 13.22
C ALA B 230 22.28 -7.54 12.65
N ARG B 231 22.00 -8.11 11.45
CA ARG B 231 22.89 -9.07 10.77
C ARG B 231 24.26 -8.44 10.42
N ALA B 232 24.29 -7.14 10.07
CA ALA B 232 25.49 -6.35 9.78
C ALA B 232 26.37 -6.20 11.03
N ARG B 233 25.77 -6.38 12.22
CA ARG B 233 26.46 -6.30 13.51
C ARG B 233 26.51 -7.71 14.15
N ASN B 234 26.34 -8.76 13.30
CA ASN B 234 26.40 -10.18 13.68
C ASN B 234 25.41 -10.57 14.79
N ILE B 235 24.19 -9.98 14.74
CA ILE B 235 23.08 -10.30 15.63
C ILE B 235 22.16 -11.22 14.82
N SER B 236 21.86 -12.41 15.34
CA SER B 236 20.99 -13.35 14.62
C SER B 236 19.56 -13.38 15.18
N VAL B 237 18.61 -13.66 14.31
CA VAL B 237 17.20 -13.68 14.71
C VAL B 237 16.70 -15.12 14.92
N ALA B 238 16.26 -15.40 16.17
CA ALA B 238 15.69 -16.68 16.57
C ALA B 238 14.33 -16.89 15.89
N THR B 239 13.38 -15.97 16.13
CA THR B 239 12.07 -16.05 15.50
C THR B 239 11.58 -14.65 15.18
N SER B 240 10.71 -14.56 14.17
CA SER B 240 10.12 -13.30 13.72
C SER B 240 8.61 -13.48 13.75
N GLU B 241 7.96 -12.83 14.72
CA GLU B 241 6.51 -12.88 14.88
C GLU B 241 5.82 -11.66 14.29
N LYS B 242 4.55 -11.81 13.93
CA LYS B 242 3.74 -10.76 13.32
C LYS B 242 2.44 -10.60 14.07
N VAL B 243 2.01 -9.35 14.26
CA VAL B 243 0.76 -9.07 14.93
C VAL B 243 -0.18 -8.44 13.89
N GLY B 244 -1.21 -9.19 13.49
CA GLY B 244 -2.19 -8.80 12.48
C GLY B 244 -3.00 -7.58 12.89
N ARG B 245 -3.64 -6.91 11.93
CA ARG B 245 -4.41 -5.69 12.20
C ARG B 245 -5.74 -5.95 12.94
N ALA B 246 -6.14 -7.23 13.16
CA ALA B 246 -7.39 -7.59 13.85
C ALA B 246 -7.24 -8.85 14.73
N MET B 247 -6.16 -8.92 15.49
CA MET B 247 -5.88 -10.05 16.37
C MET B 247 -6.68 -10.03 17.65
N SER B 248 -6.89 -11.22 18.23
CA SER B 248 -7.63 -11.42 19.48
C SER B 248 -6.63 -11.53 20.62
N ARG B 249 -7.13 -11.49 21.85
CA ARG B 249 -6.34 -11.63 23.07
C ARG B 249 -5.66 -12.99 23.15
N ALA B 250 -6.35 -14.05 22.68
CA ALA B 250 -5.83 -15.41 22.66
C ALA B 250 -4.76 -15.57 21.58
N ALA B 251 -4.94 -14.89 20.42
CA ALA B 251 -3.95 -14.89 19.33
C ALA B 251 -2.62 -14.21 19.77
N PHE B 252 -2.69 -13.17 20.66
CA PHE B 252 -1.50 -12.53 21.26
C PHE B 252 -0.73 -13.53 22.11
N GLU B 253 -1.47 -14.35 22.90
CA GLU B 253 -0.89 -15.40 23.74
C GLU B 253 -0.18 -16.45 22.87
N GLY B 254 -0.68 -16.63 21.64
CA GLY B 254 -0.08 -17.51 20.64
C GLY B 254 1.30 -16.97 20.29
N VAL B 255 1.38 -15.65 19.99
CA VAL B 255 2.64 -14.92 19.69
C VAL B 255 3.66 -15.14 20.81
N VAL B 256 3.24 -14.97 22.09
CA VAL B 256 4.08 -15.13 23.28
C VAL B 256 4.58 -16.57 23.39
N ARG B 257 3.65 -17.56 23.25
CA ARG B 257 3.98 -18.99 23.24
C ARG B 257 5.01 -19.29 22.15
N ALA B 258 4.82 -18.71 20.94
CA ALA B 258 5.74 -18.81 19.79
C ALA B 258 7.13 -18.23 20.14
N LEU B 259 7.17 -17.12 20.91
CA LEU B 259 8.43 -16.51 21.34
C LEU B 259 9.13 -17.38 22.40
N LEU B 260 8.35 -18.11 23.23
CA LEU B 260 8.85 -19.00 24.29
C LEU B 260 9.47 -20.30 23.74
N GLN B 261 9.08 -20.70 22.50
CA GLN B 261 9.57 -21.84 21.73
C GLN B 261 11.09 -21.72 21.43
N LYS B 262 11.69 -20.52 21.67
CA LYS B 262 13.12 -20.21 21.51
C LYS B 262 13.58 -19.63 22.88
N PRO B 263 13.89 -20.50 23.88
CA PRO B 263 14.23 -19.98 25.24
C PRO B 263 15.57 -19.26 25.39
N SER B 264 16.47 -19.42 24.40
CA SER B 264 17.79 -18.79 24.41
C SER B 264 17.66 -17.29 24.08
N ALA B 265 16.60 -16.92 23.30
CA ALA B 265 16.28 -15.55 22.89
C ALA B 265 15.39 -14.87 23.94
N ARG B 266 16.03 -14.22 24.92
CA ARG B 266 15.34 -13.52 26.00
C ARG B 266 14.94 -12.09 25.60
N VAL B 267 15.58 -11.55 24.54
CA VAL B 267 15.37 -10.19 24.05
C VAL B 267 14.39 -10.20 22.90
N ALA B 268 13.24 -9.55 23.10
CA ALA B 268 12.21 -9.40 22.04
C ALA B 268 12.28 -7.94 21.53
N VAL B 269 12.50 -7.76 20.22
CA VAL B 269 12.64 -6.47 19.54
C VAL B 269 11.29 -6.11 18.87
N LEU B 270 10.63 -5.04 19.36
CA LEU B 270 9.33 -4.67 18.82
C LEU B 270 9.36 -3.46 17.90
N PHE B 271 8.69 -3.62 16.75
CA PHE B 271 8.38 -2.56 15.80
C PHE B 271 6.86 -2.64 15.73
N THR B 272 6.21 -2.25 16.86
CA THR B 272 4.76 -2.35 17.01
C THR B 272 4.07 -1.02 17.31
N ARG B 273 2.76 -0.97 16.94
CA ARG B 273 1.79 0.05 17.26
C ARG B 273 1.62 -0.08 18.79
N SER B 274 1.24 1.02 19.46
CA SER B 274 1.06 1.01 20.91
C SER B 274 0.11 -0.07 21.40
N GLU B 275 -1.04 -0.23 20.72
CA GLU B 275 -2.05 -1.23 21.10
C GLU B 275 -1.53 -2.64 21.03
N ASP B 276 -0.67 -2.93 20.04
CA ASP B 276 -0.06 -4.25 19.88
C ASP B 276 0.96 -4.54 20.96
N ALA B 277 1.79 -3.50 21.32
CA ALA B 277 2.77 -3.58 22.41
C ALA B 277 2.00 -3.81 23.69
N ARG B 278 0.89 -3.07 23.88
CA ARG B 278 0.05 -3.19 25.06
C ARG B 278 -0.49 -4.61 25.24
N GLU B 279 -1.09 -5.19 24.17
CA GLU B 279 -1.68 -6.53 24.17
C GLU B 279 -0.65 -7.65 24.32
N LEU B 280 0.53 -7.49 23.71
CA LEU B 280 1.67 -8.41 23.79
C LEU B 280 2.10 -8.53 25.25
N LEU B 281 2.26 -7.36 25.91
CA LEU B 281 2.65 -7.19 27.30
C LEU B 281 1.59 -7.82 28.23
N ALA B 282 0.29 -7.56 27.96
CA ALA B 282 -0.82 -8.13 28.74
C ALA B 282 -0.81 -9.66 28.62
N ALA B 283 -0.62 -10.18 27.38
CA ALA B 283 -0.51 -11.62 27.10
C ALA B 283 0.65 -12.24 27.89
N SER B 284 1.82 -11.57 27.90
CA SER B 284 3.03 -11.98 28.61
C SER B 284 2.84 -12.02 30.15
N GLN B 285 2.07 -11.06 30.69
CA GLN B 285 1.74 -10.96 32.12
C GLN B 285 0.87 -12.21 32.49
N ARG B 286 -0.13 -12.52 31.64
CA ARG B 286 -1.08 -13.64 31.75
C ARG B 286 -0.39 -14.98 31.71
N LEU B 287 0.60 -15.17 30.81
CA LEU B 287 1.34 -16.42 30.66
C LEU B 287 2.60 -16.44 31.54
N ASN B 288 2.77 -15.43 32.41
CA ASN B 288 3.93 -15.26 33.30
C ASN B 288 5.29 -15.40 32.55
N ALA B 289 5.34 -14.84 31.32
CA ALA B 289 6.52 -14.87 30.46
C ALA B 289 7.42 -13.69 30.76
N SER B 290 8.74 -13.90 30.73
CA SER B 290 9.72 -12.85 31.00
C SER B 290 10.61 -12.61 29.81
N PHE B 291 10.62 -11.36 29.33
CA PHE B 291 11.43 -10.97 28.19
C PHE B 291 12.05 -9.62 28.45
N THR B 292 13.19 -9.36 27.83
CA THR B 292 13.83 -8.05 27.86
C THR B 292 13.33 -7.39 26.57
N TRP B 293 12.42 -6.41 26.72
CA TRP B 293 11.84 -5.72 25.58
C TRP B 293 12.74 -4.64 25.05
N VAL B 294 12.84 -4.54 23.73
CA VAL B 294 13.56 -3.46 23.04
C VAL B 294 12.56 -2.95 22.03
N ALA B 295 11.92 -1.80 22.29
CA ALA B 295 10.85 -1.36 21.39
C ALA B 295 11.00 0.03 20.79
N SER B 296 10.38 0.18 19.62
CA SER B 296 10.34 1.38 18.82
C SER B 296 9.34 2.43 19.39
N ASP B 297 9.25 3.58 18.74
CA ASP B 297 8.41 4.71 19.09
C ASP B 297 6.90 4.42 19.24
N GLY B 298 6.40 3.37 18.55
CA GLY B 298 5.00 2.93 18.67
C GLY B 298 4.64 2.74 20.13
N TRP B 299 5.56 2.14 20.92
CA TRP B 299 5.44 1.96 22.36
C TRP B 299 5.96 3.27 23.01
N GLY B 300 7.22 3.64 22.69
CA GLY B 300 7.87 4.83 23.23
C GLY B 300 7.81 4.91 24.73
N ALA B 301 7.35 6.04 25.28
CA ALA B 301 7.20 6.20 26.72
C ALA B 301 5.72 6.40 27.12
N LEU B 302 4.83 5.64 26.47
CA LEU B 302 3.39 5.66 26.79
C LEU B 302 3.08 4.88 28.04
N GLU B 303 2.37 5.53 28.99
CA GLU B 303 1.93 4.85 30.21
C GLU B 303 0.82 3.83 29.88
N GLU B 304 -0.06 4.12 28.85
CA GLU B 304 -1.17 3.22 28.46
C GLU B 304 -0.70 1.82 28.03
N VAL B 305 0.53 1.73 27.54
CA VAL B 305 1.11 0.48 27.06
C VAL B 305 1.42 -0.47 28.22
N VAL B 306 2.03 0.07 29.29
CA VAL B 306 2.49 -0.66 30.46
C VAL B 306 1.47 -0.76 31.62
N ALA B 307 0.47 0.14 31.66
CA ALA B 307 -0.56 0.17 32.71
C ALA B 307 -1.24 -1.18 32.86
N GLY B 308 -1.12 -1.76 34.05
CA GLY B 308 -1.67 -3.08 34.35
C GLY B 308 -0.73 -4.25 34.06
N SER B 309 0.41 -4.02 33.41
CA SER B 309 1.38 -5.07 33.08
C SER B 309 2.81 -4.60 33.39
N GLU B 310 2.94 -3.75 34.42
CA GLU B 310 4.19 -3.13 34.85
C GLU B 310 5.29 -4.15 35.10
N GLY B 311 4.96 -5.24 35.79
CA GLY B 311 5.86 -6.35 36.06
C GLY B 311 6.47 -6.98 34.82
N ALA B 312 5.64 -7.23 33.78
CA ALA B 312 6.07 -7.80 32.50
C ALA B 312 6.99 -6.84 31.71
N ALA B 313 6.76 -5.54 31.84
CA ALA B 313 7.48 -4.47 31.14
C ALA B 313 8.76 -4.06 31.80
N GLU B 314 8.88 -4.27 33.13
CA GLU B 314 10.07 -3.88 33.89
C GLU B 314 11.39 -4.30 33.25
N GLY B 315 12.26 -3.32 33.00
CA GLY B 315 13.56 -3.51 32.38
C GLY B 315 13.62 -3.18 30.90
N ALA B 316 12.44 -2.90 30.28
CA ALA B 316 12.31 -2.61 28.86
C ALA B 316 13.12 -1.41 28.46
N ILE B 317 13.67 -1.46 27.25
CA ILE B 317 14.37 -0.35 26.64
C ILE B 317 13.45 0.13 25.52
N THR B 318 13.04 1.41 25.57
CA THR B 318 12.19 1.96 24.52
C THR B 318 12.80 3.18 23.83
N ILE B 319 12.31 3.43 22.61
CA ILE B 319 12.75 4.52 21.77
C ILE B 319 11.64 5.53 21.53
N GLU B 320 11.99 6.81 21.56
N GLU B 320 12.01 6.80 21.56
CA GLU B 320 11.14 7.88 21.10
CA GLU B 320 11.14 7.90 21.18
C GLU B 320 11.97 8.83 20.29
C GLU B 320 11.95 8.88 20.35
N LEU B 321 11.34 9.46 19.30
CA LEU B 321 12.01 10.47 18.47
C LEU B 321 12.37 11.63 19.42
N ALA B 322 13.62 12.13 19.34
CA ALA B 322 14.11 13.18 20.26
C ALA B 322 13.21 14.38 20.20
N SER B 323 12.63 14.78 21.33
CA SER B 323 11.73 15.93 21.40
C SER B 323 11.81 16.58 22.76
N TYR B 324 11.05 17.67 22.93
CA TYR B 324 10.90 18.34 24.19
C TYR B 324 9.42 18.65 24.42
N PRO B 325 8.96 18.82 25.68
CA PRO B 325 7.60 19.30 25.86
C PRO B 325 7.54 20.81 25.53
N ILE B 326 6.46 21.24 24.87
CA ILE B 326 6.18 22.62 24.51
C ILE B 326 5.48 23.23 25.73
N SER B 327 6.11 24.21 26.39
CA SER B 327 5.62 24.76 27.65
C SER B 327 4.21 25.41 27.63
N ASP B 328 3.93 26.35 26.69
CA ASP B 328 2.63 27.01 26.64
C ASP B 328 1.44 26.05 26.30
N PHE B 329 1.74 24.88 25.69
CA PHE B 329 0.73 23.91 25.34
C PHE B 329 0.10 23.32 26.62
N ALA B 330 0.94 23.03 27.62
CA ALA B 330 0.49 22.50 28.90
C ALA B 330 -0.53 23.41 29.57
N SER B 331 -0.31 24.77 29.63
CA SER B 331 -1.35 25.64 30.26
C SER B 331 -2.60 25.73 29.40
N TYR B 332 -2.42 25.78 28.07
CA TYR B 332 -3.53 25.79 27.13
C TYR B 332 -4.40 24.50 27.31
N PHE B 333 -3.78 23.29 27.34
CA PHE B 333 -4.54 22.02 27.47
C PHE B 333 -5.24 21.88 28.82
N GLN B 334 -4.52 22.19 29.91
CA GLN B 334 -5.04 22.12 31.28
C GLN B 334 -6.19 23.10 31.55
N SER B 335 -6.37 24.11 30.69
CA SER B 335 -7.46 25.11 30.78
C SER B 335 -8.72 24.66 30.08
N LEU B 336 -8.61 23.63 29.29
CA LEU B 336 -9.72 23.12 28.51
C LEU B 336 -10.82 22.56 29.38
N ASP B 337 -12.01 22.88 28.97
CA ASP B 337 -13.17 22.81 29.78
C ASP B 337 -14.27 22.34 28.87
N PRO B 338 -15.14 21.44 29.27
CA PRO B 338 -16.20 20.99 28.38
C PRO B 338 -17.24 22.05 28.05
N TRP B 339 -17.30 23.11 28.83
CA TRP B 339 -18.25 24.21 28.61
C TRP B 339 -17.68 25.34 27.74
N ASN B 340 -16.36 25.42 27.58
N ASN B 340 -16.37 25.44 27.60
CA ASN B 340 -15.74 26.47 26.76
CA ASN B 340 -15.80 26.44 26.71
C ASN B 340 -15.00 25.94 25.52
C ASN B 340 -14.79 25.82 25.74
N ASN B 341 -15.13 24.64 25.22
CA ASN B 341 -14.38 23.96 24.18
C ASN B 341 -15.31 23.31 23.19
N SER B 342 -16.30 24.09 22.70
CA SER B 342 -17.30 23.62 21.75
C SER B 342 -16.70 23.42 20.35
N ARG B 343 -15.60 24.15 20.03
CA ARG B 343 -14.94 24.00 18.72
C ARG B 343 -14.41 22.57 18.54
N ASN B 344 -14.08 21.85 19.63
CA ASN B 344 -13.68 20.45 19.52
C ASN B 344 -14.94 19.55 19.73
N PRO B 345 -15.51 18.92 18.66
CA PRO B 345 -16.73 18.09 18.84
C PRO B 345 -16.56 16.78 19.59
N TRP B 346 -15.30 16.30 19.79
CA TRP B 346 -14.96 15.07 20.53
C TRP B 346 -14.49 15.35 22.00
N PHE B 347 -14.42 16.60 22.42
CA PHE B 347 -13.97 16.97 23.76
C PHE B 347 -14.89 16.44 24.90
N ARG B 348 -16.23 16.49 24.71
CA ARG B 348 -17.17 16.01 25.74
C ARG B 348 -17.07 14.49 25.89
N GLU B 349 -16.87 13.76 24.78
CA GLU B 349 -16.68 12.32 24.86
C GLU B 349 -15.34 12.01 25.56
N PHE B 350 -14.30 12.83 25.31
CA PHE B 350 -13.00 12.63 26.00
C PHE B 350 -13.18 12.84 27.53
N TRP B 351 -13.86 13.94 27.90
CA TRP B 351 -14.10 14.29 29.32
C TRP B 351 -14.82 13.16 30.10
N GLU B 352 -15.87 12.59 29.50
CA GLU B 352 -16.64 11.48 30.07
C GLU B 352 -15.76 10.28 30.35
N GLN B 353 -14.82 9.94 29.43
CA GLN B 353 -13.94 8.79 29.57
C GLN B 353 -12.86 9.03 30.62
N ARG B 354 -12.16 10.17 30.50
CA ARG B 354 -11.08 10.55 31.39
C ARG B 354 -11.54 10.63 32.85
N PHE B 355 -12.74 11.21 33.07
CA PHE B 355 -13.22 11.41 34.43
C PHE B 355 -14.33 10.47 34.83
N ARG B 356 -14.60 9.44 33.97
CA ARG B 356 -15.62 8.41 34.22
C ARG B 356 -16.92 9.02 34.79
N CYS B 357 -17.40 10.08 34.09
CA CYS B 357 -18.56 10.90 34.41
C CYS B 357 -19.53 10.88 33.24
N SER B 358 -20.69 11.53 33.43
CA SER B 358 -21.77 11.62 32.46
C SER B 358 -22.38 13.02 32.54
N PHE B 359 -22.41 13.76 31.40
CA PHE B 359 -23.01 15.10 31.37
C PHE B 359 -24.51 15.03 31.69
N ARG B 360 -25.16 13.92 31.30
CA ARG B 360 -26.57 13.63 31.56
C ARG B 360 -26.75 13.49 33.09
N GLN B 361 -25.84 12.78 33.76
CA GLN B 361 -25.89 12.61 35.20
C GLN B 361 -25.38 13.85 35.97
N ARG B 362 -24.93 14.91 35.25
CA ARG B 362 -24.43 16.19 35.80
C ARG B 362 -23.33 16.02 36.86
N ASP B 363 -22.47 15.02 36.66
CA ASP B 363 -21.36 14.76 37.59
C ASP B 363 -19.98 15.05 36.98
N CYS B 364 -19.91 15.78 35.85
CA CYS B 364 -18.67 16.11 35.15
C CYS B 364 -17.98 17.39 35.59
N ALA B 365 -18.75 18.39 36.10
CA ALA B 365 -18.23 19.71 36.49
C ALA B 365 -17.25 19.66 37.65
N ALA B 366 -17.36 18.63 38.48
CA ALA B 366 -16.48 18.44 39.64
C ALA B 366 -15.00 18.24 39.24
N HIS B 367 -14.76 17.88 37.97
CA HIS B 367 -13.44 17.58 37.44
C HIS B 367 -12.74 18.74 36.76
N SER B 368 -11.42 18.75 36.87
CA SER B 368 -10.60 19.76 36.23
C SER B 368 -9.32 19.12 35.76
N LEU B 369 -8.86 19.50 34.55
CA LEU B 369 -7.57 19.06 34.01
C LEU B 369 -6.43 19.82 34.74
N ARG B 370 -6.78 20.96 35.42
CA ARG B 370 -5.86 21.77 36.23
C ARG B 370 -5.53 21.05 37.54
N ALA B 371 -6.56 20.41 38.17
CA ALA B 371 -6.52 19.63 39.43
C ALA B 371 -5.90 18.23 39.26
N VAL B 372 -5.56 17.82 38.04
CA VAL B 372 -4.89 16.51 37.86
C VAL B 372 -3.57 16.67 37.14
N PRO B 373 -2.74 15.65 37.15
CA PRO B 373 -1.40 15.74 36.52
C PRO B 373 -1.44 15.77 34.99
N PHE B 374 -0.48 16.47 34.38
CA PHE B 374 -0.41 16.57 32.92
C PHE B 374 0.90 16.04 32.37
N GLU B 375 0.78 15.00 31.53
CA GLU B 375 1.89 14.36 30.85
C GLU B 375 1.70 14.71 29.39
N GLN B 376 2.60 15.53 28.86
CA GLN B 376 2.57 15.97 27.48
C GLN B 376 3.04 14.82 26.58
N GLU B 377 2.23 14.45 25.57
CA GLU B 377 2.56 13.36 24.64
C GLU B 377 3.86 13.69 23.92
N SER B 378 4.71 12.69 23.75
CA SER B 378 6.03 12.87 23.21
C SER B 378 6.13 13.57 21.84
N LYS B 379 5.16 13.39 20.93
CA LYS B 379 5.26 13.96 19.58
C LYS B 379 4.54 15.30 19.41
N ILE B 380 4.06 15.92 20.50
CA ILE B 380 3.36 17.22 20.46
C ILE B 380 4.17 18.31 19.70
N MET B 381 5.49 18.38 19.96
CA MET B 381 6.46 19.25 19.29
C MET B 381 6.39 19.05 17.76
N PHE B 382 6.34 17.77 17.31
CA PHE B 382 6.25 17.44 15.90
C PHE B 382 4.94 17.91 15.27
N VAL B 383 3.83 17.88 16.04
CA VAL B 383 2.52 18.40 15.56
C VAL B 383 2.65 19.91 15.33
N VAL B 384 3.13 20.64 16.33
CA VAL B 384 3.30 22.10 16.30
C VAL B 384 4.26 22.53 15.18
N ASN B 385 5.33 21.77 14.98
CA ASN B 385 6.29 22.05 13.91
C ASN B 385 5.68 21.85 12.53
N ALA B 386 4.80 20.82 12.37
CA ALA B 386 4.15 20.56 11.08
C ALA B 386 3.19 21.72 10.70
N VAL B 387 2.38 22.19 11.67
CA VAL B 387 1.44 23.30 11.46
C VAL B 387 2.25 24.58 11.10
N TYR B 388 3.34 24.84 11.86
CA TYR B 388 4.19 26.01 11.62
C TYR B 388 4.91 25.94 10.32
N ALA B 389 5.32 24.71 9.90
CA ALA B 389 6.01 24.50 8.63
C ALA B 389 5.10 24.87 7.48
N MET B 390 3.81 24.51 7.57
CA MET B 390 2.80 24.85 6.57
C MET B 390 2.51 26.36 6.60
N ALA B 391 2.40 26.96 7.81
CA ALA B 391 2.17 28.41 7.97
C ALA B 391 3.34 29.23 7.35
N HIS B 392 4.61 28.86 7.68
CA HIS B 392 5.81 29.49 7.10
C HIS B 392 5.86 29.32 5.57
N ALA B 393 5.43 28.16 5.05
CA ALA B 393 5.42 27.93 3.60
C ALA B 393 4.46 28.89 2.91
N LEU B 394 3.25 29.07 3.48
CA LEU B 394 2.22 29.96 2.93
C LEU B 394 2.63 31.41 3.07
N HIS B 395 3.37 31.74 4.15
CA HIS B 395 3.88 33.08 4.40
C HIS B 395 4.92 33.45 3.35
N ASN B 396 5.90 32.55 3.08
CA ASN B 396 6.93 32.72 2.04
C ASN B 396 6.31 32.79 0.66
N MET B 397 5.28 31.96 0.40
CA MET B 397 4.54 32.00 -0.86
C MET B 397 3.84 33.35 -1.02
N HIS B 398 3.22 33.82 0.07
CA HIS B 398 2.54 35.09 0.09
C HIS B 398 3.51 36.26 -0.21
N ARG B 399 4.71 36.27 0.40
CA ARG B 399 5.75 37.30 0.20
C ARG B 399 6.14 37.47 -1.27
N ALA B 400 6.28 36.36 -2.00
CA ALA B 400 6.63 36.34 -3.41
C ALA B 400 5.46 36.66 -4.34
N LEU B 401 4.28 36.05 -4.09
CA LEU B 401 3.12 36.21 -4.96
C LEU B 401 2.27 37.45 -4.69
N CYS B 402 2.29 38.02 -3.47
CA CYS B 402 1.49 39.17 -3.01
C CYS B 402 2.39 40.25 -2.35
N PRO B 403 3.32 40.91 -3.08
CA PRO B 403 4.24 41.86 -2.41
C PRO B 403 3.64 43.16 -1.87
N ASN B 404 2.46 43.60 -2.35
CA ASN B 404 1.87 44.90 -1.98
C ASN B 404 0.75 44.88 -0.92
N THR B 405 0.31 43.68 -0.46
CA THR B 405 -0.79 43.52 0.49
C THR B 405 -0.51 42.40 1.49
N THR B 406 -1.07 42.50 2.70
CA THR B 406 -0.95 41.44 3.71
C THR B 406 -2.05 40.39 3.49
N ARG B 407 -3.06 40.72 2.67
CA ARG B 407 -4.21 39.88 2.38
C ARG B 407 -3.91 38.88 1.24
N LEU B 408 -4.83 37.93 1.02
CA LEU B 408 -4.74 36.96 -0.07
C LEU B 408 -5.00 37.68 -1.37
N CYS B 409 -3.95 37.93 -2.14
CA CYS B 409 -4.05 38.55 -3.46
C CYS B 409 -4.57 37.48 -4.44
N ASP B 410 -4.93 37.88 -5.67
CA ASP B 410 -5.51 36.96 -6.66
C ASP B 410 -4.59 35.82 -7.07
N ALA B 411 -3.26 36.03 -6.98
CA ALA B 411 -2.26 34.99 -7.26
C ALA B 411 -2.42 33.78 -6.35
N MET B 412 -3.03 33.96 -5.18
CA MET B 412 -3.22 32.88 -4.24
C MET B 412 -4.67 32.50 -4.07
N ARG B 413 -5.47 32.88 -5.03
CA ARG B 413 -6.88 32.56 -5.11
C ARG B 413 -7.08 31.77 -6.41
N PRO B 414 -6.91 30.43 -6.40
CA PRO B 414 -6.57 29.56 -5.27
C PRO B 414 -5.06 29.36 -5.11
N VAL B 415 -4.63 28.69 -4.04
CA VAL B 415 -3.21 28.37 -3.83
C VAL B 415 -2.87 27.17 -4.75
N ASN B 416 -1.73 27.28 -5.44
CA ASN B 416 -1.26 26.22 -6.32
C ASN B 416 -0.51 25.20 -5.46
N GLY B 417 -1.06 23.98 -5.42
CA GLY B 417 -0.51 22.90 -4.61
C GLY B 417 0.88 22.46 -4.98
N ARG B 418 1.17 22.34 -6.28
CA ARG B 418 2.51 21.95 -6.77
C ARG B 418 3.56 22.93 -6.31
N ARG B 419 3.34 24.25 -6.56
CA ARG B 419 4.26 25.33 -6.19
C ARG B 419 4.43 25.38 -4.70
N LEU B 420 3.30 25.34 -3.93
CA LEU B 420 3.33 25.37 -2.47
C LEU B 420 4.20 24.23 -1.93
N TYR B 421 4.03 22.98 -2.44
CA TYR B 421 4.84 21.85 -1.97
C TYR B 421 6.32 21.97 -2.40
N LYS B 422 6.57 21.99 -3.72
CA LYS B 422 7.91 22.01 -4.30
C LYS B 422 8.73 23.21 -3.98
N ASP B 423 8.15 24.43 -4.08
CA ASP B 423 8.97 25.63 -3.91
C ASP B 423 8.89 26.31 -2.56
N PHE B 424 7.97 25.90 -1.68
CA PHE B 424 7.85 26.55 -0.38
C PHE B 424 7.93 25.54 0.75
N VAL B 425 7.03 24.54 0.82
CA VAL B 425 7.05 23.53 1.92
C VAL B 425 8.45 22.92 2.10
N LEU B 426 9.04 22.43 1.01
CA LEU B 426 10.37 21.79 1.03
C LEU B 426 11.53 22.75 1.35
N ASN B 427 11.30 24.07 1.23
CA ASN B 427 12.35 25.07 1.42
C ASN B 427 12.27 25.88 2.70
N VAL B 428 11.31 25.58 3.61
CA VAL B 428 11.21 26.32 4.87
C VAL B 428 12.42 26.00 5.75
N LYS B 429 12.85 26.98 6.56
CA LYS B 429 13.98 26.85 7.48
C LYS B 429 13.78 27.91 8.52
N PHE B 430 13.33 27.51 9.68
CA PHE B 430 13.08 28.46 10.76
C PHE B 430 13.33 27.80 12.08
N ASP B 431 13.51 28.64 13.10
CA ASP B 431 13.73 28.23 14.47
C ASP B 431 12.41 27.65 15.01
N ALA B 432 12.42 26.38 15.43
CA ALA B 432 11.27 25.67 16.01
C ALA B 432 10.57 26.55 17.05
N PRO B 433 9.23 26.72 16.99
CA PRO B 433 8.57 27.57 17.99
C PRO B 433 8.50 26.91 19.36
N PHE B 434 8.37 27.72 20.43
CA PHE B 434 8.25 27.30 21.85
C PHE B 434 9.34 26.30 22.31
N ARG B 435 10.52 26.37 21.66
CA ARG B 435 11.69 25.52 21.90
C ARG B 435 12.44 25.91 23.21
N PRO B 436 13.21 25.00 23.86
CA PRO B 436 13.95 25.41 25.08
C PRO B 436 15.26 26.15 24.74
N ALA B 437 15.79 26.89 25.73
CA ALA B 437 17.04 27.67 25.65
C ALA B 437 18.25 26.80 25.28
N HIS B 440 17.83 24.36 21.55
CA HIS B 440 17.99 24.91 20.19
C HIS B 440 17.62 23.87 19.11
N ASN B 441 16.57 24.18 18.32
CA ASN B 441 16.03 23.32 17.25
C ASN B 441 15.56 24.12 16.04
N GLU B 442 15.72 23.52 14.86
CA GLU B 442 15.32 24.14 13.61
C GLU B 442 14.43 23.20 12.80
N VAL B 443 13.37 23.76 12.20
CA VAL B 443 12.41 23.05 11.34
C VAL B 443 12.83 23.24 9.89
N ARG B 444 13.00 22.13 9.19
CA ARG B 444 13.39 22.08 7.79
C ARG B 444 13.13 20.66 7.32
N PHE B 445 13.06 20.48 6.00
CA PHE B 445 12.89 19.17 5.40
C PHE B 445 14.14 18.92 4.59
N ASP B 446 14.56 17.67 4.49
CA ASP B 446 15.65 17.25 3.64
C ASP B 446 15.18 16.96 2.25
N ARG B 447 16.07 16.46 1.42
CA ARG B 447 15.77 16.17 0.00
C ARG B 447 14.65 15.13 -0.18
N PHE B 448 14.39 14.29 0.85
CA PHE B 448 13.30 13.28 0.81
C PHE B 448 12.02 13.77 1.54
N GLY B 449 12.05 15.04 1.98
CA GLY B 449 10.99 15.70 2.74
C GLY B 449 10.85 15.13 4.13
N ASP B 450 11.97 14.67 4.72
CA ASP B 450 11.99 14.03 6.03
C ASP B 450 12.59 14.92 7.07
N GLY B 451 12.40 14.53 8.33
CA GLY B 451 12.99 15.14 9.52
C GLY B 451 14.30 14.47 9.91
N ILE B 452 14.96 14.98 10.96
CA ILE B 452 16.28 14.48 11.39
C ILE B 452 16.25 13.19 12.27
N GLY B 453 17.10 12.22 11.92
CA GLY B 453 17.26 10.94 12.62
C GLY B 453 17.86 11.04 14.01
N ARG B 454 17.13 11.64 14.96
CA ARG B 454 17.60 11.83 16.33
C ARG B 454 16.60 11.17 17.29
N TYR B 455 17.09 10.30 18.19
CA TYR B 455 16.24 9.53 19.12
C TYR B 455 16.69 9.56 20.55
N ASN B 456 15.73 9.53 21.47
CA ASN B 456 15.97 9.42 22.90
C ASN B 456 15.73 7.95 23.29
N ILE B 457 16.57 7.45 24.23
CA ILE B 457 16.50 6.08 24.73
C ILE B 457 16.02 6.09 26.17
N PHE B 458 15.02 5.25 26.45
CA PHE B 458 14.43 5.19 27.78
C PHE B 458 14.49 3.80 28.33
N THR B 459 14.44 3.70 29.66
CA THR B 459 14.32 2.41 30.31
C THR B 459 13.08 2.43 31.21
N TYR B 460 12.43 1.27 31.37
CA TYR B 460 11.25 1.20 32.21
C TYR B 460 11.63 0.52 33.52
N LEU B 461 11.50 1.25 34.63
CA LEU B 461 11.95 0.73 35.92
C LEU B 461 10.96 0.91 37.05
N ARG B 462 11.19 0.11 38.13
CA ARG B 462 10.46 0.24 39.38
C ARG B 462 11.37 1.00 40.32
N ALA B 463 10.92 2.17 40.80
CA ALA B 463 11.70 3.02 41.71
C ALA B 463 11.70 2.41 43.13
N GLY B 464 12.55 3.00 44.00
CA GLY B 464 12.69 2.62 45.41
C GLY B 464 11.38 2.66 46.16
N SER B 465 10.50 3.64 45.80
CA SER B 465 9.16 3.84 46.33
C SER B 465 8.17 2.73 45.95
N GLY B 466 8.49 1.98 44.90
CA GLY B 466 7.63 0.92 44.38
C GLY B 466 6.83 1.35 43.16
N ARG B 467 6.93 2.64 42.78
CA ARG B 467 6.25 3.21 41.63
C ARG B 467 7.08 3.07 40.37
N TYR B 468 6.41 2.81 39.24
CA TYR B 468 7.08 2.61 37.96
C TYR B 468 7.23 3.89 37.17
N ARG B 469 8.26 3.96 36.34
CA ARG B 469 8.52 5.12 35.49
C ARG B 469 9.46 4.82 34.33
N TYR B 470 9.45 5.72 33.34
CA TYR B 470 10.35 5.74 32.20
C TYR B 470 11.44 6.72 32.58
N GLN B 471 12.67 6.38 32.24
CA GLN B 471 13.85 7.17 32.56
C GLN B 471 14.69 7.26 31.31
N LYS B 472 15.10 8.47 30.90
CA LYS B 472 15.95 8.68 29.73
C LYS B 472 17.36 8.19 30.11
N VAL B 473 17.88 7.23 29.35
CA VAL B 473 19.18 6.60 29.62
C VAL B 473 20.19 6.82 28.48
N GLY B 474 19.69 7.27 27.33
CA GLY B 474 20.54 7.47 26.18
C GLY B 474 19.99 8.32 25.07
N TYR B 475 20.69 8.26 23.93
CA TYR B 475 20.45 9.08 22.77
C TYR B 475 21.09 8.45 21.53
N TRP B 476 20.50 8.69 20.35
CA TRP B 476 21.05 8.24 19.09
C TRP B 476 20.92 9.34 18.07
N ALA B 477 22.06 9.71 17.50
CA ALA B 477 22.18 10.72 16.45
C ALA B 477 23.53 10.46 15.81
N GLU B 478 23.52 9.61 14.77
CA GLU B 478 24.71 9.16 14.05
C GLU B 478 25.70 8.63 15.11
N GLY B 479 25.22 7.66 15.89
CA GLY B 479 25.98 7.06 16.98
C GLY B 479 25.21 6.97 18.28
N LEU B 480 25.48 5.89 19.02
CA LEU B 480 24.86 5.55 20.30
C LEU B 480 25.61 6.13 21.48
N THR B 481 24.85 6.69 22.42
CA THR B 481 25.29 7.27 23.68
C THR B 481 24.36 6.68 24.76
N LEU B 482 24.91 5.80 25.63
CA LEU B 482 24.16 5.20 26.74
C LEU B 482 24.79 5.52 28.09
N ASP B 483 23.97 5.76 29.09
CA ASP B 483 24.42 6.00 30.45
C ASP B 483 23.93 4.80 31.29
N THR B 484 24.74 3.71 31.27
CA THR B 484 24.47 2.43 31.95
C THR B 484 24.20 2.57 33.45
N SER B 485 24.73 3.62 34.09
CA SER B 485 24.52 3.91 35.51
C SER B 485 23.04 4.13 35.83
N LEU B 486 22.23 4.53 34.79
CA LEU B 486 20.78 4.80 34.92
C LEU B 486 19.89 3.59 34.59
N ILE B 487 20.48 2.51 34.06
CA ILE B 487 19.78 1.27 33.74
C ILE B 487 19.98 0.34 34.97
N PRO B 488 18.91 0.06 35.75
CA PRO B 488 19.08 -0.74 36.99
C PRO B 488 19.75 -2.10 36.84
N TRP B 489 19.44 -2.86 35.77
CA TRP B 489 20.01 -4.19 35.51
C TRP B 489 21.39 -4.18 34.80
N ALA B 490 21.87 -3.01 34.33
CA ALA B 490 23.14 -2.91 33.62
C ALA B 490 24.33 -2.81 34.59
N SER B 491 25.44 -3.50 34.25
CA SER B 491 26.68 -3.55 35.04
C SER B 491 27.60 -2.37 34.71
#